data_8X3L
#
_entry.id   8X3L
#
_cell.length_a   1.00
_cell.length_b   1.00
_cell.length_c   1.00
_cell.angle_alpha   90.00
_cell.angle_beta   90.00
_cell.angle_gamma   90.00
#
_symmetry.space_group_name_H-M   'P 1'
#
loop_
_entity.id
_entity.type
_entity.pdbx_description
1 polymer 'Guanine nucleotide-binding protein G(i) subunit alpha-1'
2 polymer 'Guanine nucleotide-binding protein G(I)/G(S)/G(T) subunit beta-1'
3 polymer 'Guanine nucleotide-binding protein G(I)/G(S)/G(O) subunit gamma-2'
4 polymer 'Cannabinoid receptor 2'
5 polymer scFV16
6 non-polymer 4-[3-(4-fluoranyl-2~{H}-indazol-7-yl)-1,2,4-oxadiazol-5-yl]-1-(4-fluorophenyl)azepan-2-one
#
loop_
_entity_poly.entity_id
_entity_poly.type
_entity_poly.pdbx_seq_one_letter_code
_entity_poly.pdbx_strand_id
1 'polypeptide(L)'
;MGCTLSAEDKAAVERSKMIDRNLREDGEKAAREVKLLLLGAGESGKSTIVKQMKIIHEAGYSEEECKQYKAVVYSNTIQS
IIAIIRAMGRLKIDFGDSARADDARQLFVLAGAAEEGFMTAELAGVIKRLWKDSGVQACFNRSREYQLNDSAAYYLNDLD
RIAQPNYIPTQQDVLRTRVKTTGIVETHFTFKDLHFKMFDVGGQRSERKKWIHCFEGVTAIIFCVALSDYDLVLAEDEEM
NRMHESMKLFDSICNNKWFTDTSIILFLNKKDLFEEKIKKSPLTICYPEYAGSNTYEEAAAYIQCQFEDLNKRKDTKEIY
THFTCATDTKNVQFVFDAVTDVIIKNNLKDCGLF
;
A
2 'polypeptide(L)'
;MHHHHLEVLFQGPGSSGSELDQLRQEAEQLKNQIRDARKACADATLSQITNNIDPVGRIQMRTRRTLRGHLAKIYAMHWG
TDSRLLVSASQDGKLIIWDSYTTNKVHAIPLRSSWVMTCAYAPSGNYVACGGLDNICSIYNLKTREGNVRVSRELAGHTG
YLSCCRFLDDNQIVTSSGDTTCALWDIETGQQTTTFTGHTGDVMSLSLAPDTRLFVSGACDASAKLWDVREGMCRQTFTG
HESDINAICFFPNGNAFATGSDDATCRLFDLRADQELMTYSHDNIICGITSVSFSKSGRLLLAGYDDFNCNVWDALKADR
AGVLAGHDNRVSCLGVTDDGMAVATGSWDSFLKIWN
;
B
3 'polypeptide(L)' MASNNTASIAQARKLVEQLKMEANIDRIKVSKAAADLMAYCEAHAKEDPLLTPVPASENPFREKKFFCAIL C
4 'polypeptide(L)'
;MEECWVTEIANGSKDGLDSNPMKDYMILSGPQKTAVAVLCTLLGLLSALENVAVLYLILSSHQLRRKPSYLFIGSLAGAD
FLASVVFACSFVNFHVFHGVDSKAVFLLKIGSVTMTFTASVGSLLLTAIDRYLCLRYPPSYKALLTRGRALVTLGIMWVL
SALVSYLPLMGWTCCPRPCSELFPLIPNDYLLSWLLFIAFLFSGIIYTYGHVLWKAHQHVASLSGHQDRQVPGMARMRLD
VRLAKTLGLVLAVLLICWFPVLALMAHSLATTLSDQVKKAFAFCSMLCLINSMVNPVIYALRSGEIRSSAHHCLAHWKK
;
R
5 'polypeptide(L)'
;DVQLVESGGGLVQPGGSRKLSCSASGFAFSSFGMHWVRQAPEKGLEWVAYISSGSGTIYYADTVKGRFTISRDDPKNTLF
LQMTSLRSEDTAMYYCVRSIYYYGSSPFDFWGQGTTLTVSSGGGGSGGGGSGGGGSDIVMTQATSSVPVTPGESVSISCR
SSKSLLHSNGNTYLYWFLQRPGQSPQLLIYRMSNLASGVPDRFSGSGSGTAFTLTISRLEAEDVGVYYCMQHLEYPLTFG
AGTKLELKAAAENLYFQGHHHHHHHH
;
S
#
loop_
_chem_comp.id
_chem_comp.type
_chem_comp.name
_chem_comp.formula
XWD non-polymer 4-[3-(4-fluoranyl-2~{H}-indazol-7-yl)-1,2,4-oxadiazol-5-yl]-1-(4-fluorophenyl)azepan-2-one 'C21 H17 F2 N5 O2'
#
# COMPACT_ATOMS: atom_id res chain seq x y z
N CYS A 3 9.62 25.63 -13.03
CA CYS A 3 9.37 24.21 -12.86
C CYS A 3 10.67 23.42 -12.97
N THR A 4 11.68 24.05 -13.58
CA THR A 4 13.03 23.51 -13.78
C THR A 4 13.05 22.03 -14.12
N LEU A 5 12.12 21.59 -14.97
CA LEU A 5 12.04 20.21 -15.42
C LEU A 5 12.31 20.14 -16.91
N SER A 6 13.06 19.13 -17.34
CA SER A 6 13.35 18.94 -18.75
C SER A 6 12.10 18.46 -19.48
N ALA A 7 12.23 18.27 -20.79
CA ALA A 7 11.08 17.86 -21.59
C ALA A 7 10.63 16.45 -21.23
N GLU A 8 11.58 15.53 -20.99
CA GLU A 8 11.21 14.16 -20.65
C GLU A 8 10.69 14.03 -19.24
N ASP A 9 11.15 14.89 -18.33
CA ASP A 9 10.75 14.76 -16.93
C ASP A 9 9.25 14.99 -16.75
N LYS A 10 8.70 15.97 -17.46
CA LYS A 10 7.26 16.21 -17.39
C LYS A 10 6.46 15.03 -17.93
N ALA A 11 6.94 14.41 -19.02
CA ALA A 11 6.27 13.23 -19.55
C ALA A 11 6.35 12.07 -18.57
N ALA A 12 7.48 11.90 -17.89
CA ALA A 12 7.60 10.87 -16.88
C ALA A 12 6.64 11.12 -15.72
N VAL A 13 6.50 12.38 -15.30
CA VAL A 13 5.57 12.70 -14.23
C VAL A 13 4.14 12.42 -14.65
N GLU A 14 3.80 12.74 -15.90
CA GLU A 14 2.45 12.45 -16.39
C GLU A 14 2.19 10.95 -16.42
N ARG A 15 3.18 10.16 -16.85
CA ARG A 15 3.03 8.70 -16.85
C ARG A 15 2.84 8.18 -15.44
N SER A 16 3.61 8.71 -14.48
CA SER A 16 3.44 8.30 -13.09
C SER A 16 2.06 8.65 -12.57
N LYS A 17 1.53 9.82 -12.95
CA LYS A 17 0.19 10.21 -12.53
C LYS A 17 -0.87 9.27 -13.11
N MET A 18 -0.71 8.88 -14.37
CA MET A 18 -1.64 7.93 -14.98
C MET A 18 -1.59 6.59 -14.26
N ILE A 19 -0.38 6.14 -13.92
CA ILE A 19 -0.25 4.87 -13.18
C ILE A 19 -0.92 4.97 -11.82
N ASP A 20 -0.76 6.10 -11.13
CA ASP A 20 -1.41 6.30 -9.85
C ASP A 20 -2.93 6.26 -9.99
N ARG A 21 -3.47 6.91 -11.02
CA ARG A 21 -4.91 6.89 -11.25
C ARG A 21 -5.40 5.47 -11.47
N ASN A 22 -4.69 4.70 -12.28
CA ASN A 22 -5.11 3.31 -12.54
C ASN A 22 -5.04 2.47 -11.27
N LEU A 23 -3.99 2.65 -10.46
CA LEU A 23 -3.87 1.91 -9.21
C LEU A 23 -5.02 2.22 -8.27
N ARG A 24 -5.35 3.51 -8.13
CA ARG A 24 -6.46 3.88 -7.25
C ARG A 24 -7.77 3.32 -7.75
N GLU A 25 -8.01 3.39 -9.06
CA GLU A 25 -9.26 2.86 -9.60
C GLU A 25 -9.37 1.36 -9.39
N ASP A 26 -8.26 0.63 -9.53
CA ASP A 26 -8.29 -0.80 -9.30
C ASP A 26 -8.53 -1.13 -7.84
N GLY A 27 -7.85 -0.42 -6.93
CA GLY A 27 -8.02 -0.69 -5.51
C GLY A 27 -9.41 -0.38 -5.01
N GLU A 28 -10.04 0.66 -5.56
CA GLU A 28 -11.40 1.00 -5.15
C GLU A 28 -12.36 -0.14 -5.46
N LYS A 29 -12.21 -0.77 -6.62
CA LYS A 29 -13.06 -1.91 -6.98
C LYS A 29 -12.67 -3.15 -6.17
N ALA A 30 -11.38 -3.31 -5.87
CA ALA A 30 -10.95 -4.48 -5.12
C ALA A 30 -11.47 -4.46 -3.69
N ALA A 31 -11.56 -3.28 -3.08
CA ALA A 31 -11.98 -3.15 -1.69
C ALA A 31 -13.50 -3.18 -1.51
N ARG A 32 -14.26 -3.71 -2.47
CA ARG A 32 -15.71 -3.72 -2.41
C ARG A 32 -16.25 -5.15 -2.45
N GLU A 33 -15.37 -6.15 -2.49
CA GLU A 33 -15.76 -7.54 -2.59
C GLU A 33 -15.59 -8.24 -1.25
N VAL A 34 -16.25 -9.40 -1.11
CA VAL A 34 -16.27 -10.17 0.11
C VAL A 34 -15.30 -11.34 -0.02
N LYS A 35 -14.49 -11.56 1.02
CA LYS A 35 -13.53 -12.64 1.06
C LYS A 35 -13.90 -13.61 2.17
N LEU A 36 -13.95 -14.90 1.85
CA LEU A 36 -14.27 -15.94 2.81
C LEU A 36 -13.19 -17.00 2.78
N LEU A 37 -12.70 -17.40 3.95
CA LEU A 37 -11.66 -18.43 4.05
C LEU A 37 -12.33 -19.75 4.41
N LEU A 38 -12.35 -20.70 3.47
CA LEU A 38 -12.98 -21.99 3.69
C LEU A 38 -11.95 -22.92 4.32
N LEU A 39 -12.28 -23.45 5.49
CA LEU A 39 -11.30 -24.19 6.29
C LEU A 39 -11.91 -25.47 6.85
N GLY A 40 -12.68 -26.18 6.04
CA GLY A 40 -13.26 -27.44 6.46
C GLY A 40 -12.23 -28.48 6.82
N ALA A 41 -12.45 -29.17 7.95
CA ALA A 41 -11.50 -30.17 8.41
C ALA A 41 -11.64 -31.45 7.58
N GLY A 42 -10.51 -31.94 7.08
CA GLY A 42 -10.52 -33.18 6.31
C GLY A 42 -11.35 -33.06 5.06
N GLU A 43 -12.05 -34.15 4.73
CA GLU A 43 -12.94 -34.22 3.59
C GLU A 43 -14.40 -34.32 4.05
N SER A 44 -14.74 -33.57 5.10
CA SER A 44 -16.08 -33.63 5.70
C SER A 44 -17.02 -32.69 4.94
N GLY A 45 -17.35 -33.11 3.72
CA GLY A 45 -18.32 -32.39 2.91
C GLY A 45 -17.89 -31.02 2.45
N LYS A 46 -16.60 -30.68 2.56
CA LYS A 46 -16.14 -29.39 2.09
C LYS A 46 -16.29 -29.25 0.59
N SER A 47 -16.01 -30.31 -0.15
CA SER A 47 -16.08 -30.28 -1.61
C SER A 47 -17.51 -30.23 -2.13
N THR A 48 -18.51 -30.44 -1.27
CA THR A 48 -19.90 -30.41 -1.71
C THR A 48 -20.49 -29.01 -1.65
N ILE A 49 -20.25 -28.28 -0.56
CA ILE A 49 -20.81 -26.94 -0.42
C ILE A 49 -20.37 -26.05 -1.58
N VAL A 50 -19.11 -26.17 -2.00
CA VAL A 50 -18.67 -25.44 -3.18
C VAL A 50 -19.38 -25.98 -4.42
N LYS A 51 -19.79 -27.24 -4.40
CA LYS A 51 -20.47 -27.81 -5.57
C LYS A 51 -21.84 -27.18 -5.77
N GLN A 52 -22.64 -27.04 -4.70
CA GLN A 52 -23.94 -26.43 -4.92
C GLN A 52 -23.96 -24.92 -4.65
N MET A 53 -22.81 -24.31 -4.36
CA MET A 53 -22.69 -22.86 -4.27
C MET A 53 -21.91 -22.28 -5.45
N LYS A 54 -22.11 -22.86 -6.62
CA LYS A 54 -21.44 -22.38 -7.83
C LYS A 54 -22.30 -22.63 -9.06
N THR A 182 -0.75 -26.72 -7.88
CA THR A 182 -1.35 -25.54 -7.26
C THR A 182 -1.66 -25.80 -5.79
N GLY A 183 -1.38 -24.80 -4.95
CA GLY A 183 -1.58 -24.93 -3.53
C GLY A 183 -2.92 -24.40 -3.05
N ILE A 184 -3.27 -23.19 -3.47
CA ILE A 184 -4.50 -22.53 -3.05
C ILE A 184 -5.49 -22.60 -4.20
N VAL A 185 -6.72 -23.04 -3.90
CA VAL A 185 -7.81 -23.03 -4.85
C VAL A 185 -8.69 -21.83 -4.55
N GLU A 186 -9.15 -21.15 -5.60
CA GLU A 186 -9.94 -19.95 -5.43
C GLU A 186 -11.24 -20.08 -6.23
N THR A 187 -12.34 -19.63 -5.63
CA THR A 187 -13.65 -19.71 -6.25
C THR A 187 -14.32 -18.35 -6.20
N HIS A 188 -14.96 -17.97 -7.30
CA HIS A 188 -15.69 -16.70 -7.39
C HIS A 188 -17.16 -16.98 -7.64
N PHE A 189 -18.04 -16.21 -7.01
CA PHE A 189 -19.45 -16.28 -7.36
C PHE A 189 -20.13 -14.97 -6.97
N THR A 190 -21.38 -14.84 -7.39
CA THR A 190 -22.15 -13.63 -7.19
C THR A 190 -23.53 -13.98 -6.66
N PHE A 191 -24.08 -13.08 -5.85
CA PHE A 191 -25.43 -13.27 -5.29
C PHE A 191 -25.96 -11.91 -4.88
N LYS A 192 -27.09 -11.50 -5.45
CA LYS A 192 -27.74 -10.23 -5.13
C LYS A 192 -26.77 -9.06 -5.31
N ASP A 193 -26.08 -9.04 -6.45
CA ASP A 193 -25.15 -7.97 -6.81
C ASP A 193 -24.03 -7.82 -5.77
N LEU A 194 -23.56 -8.94 -5.25
CA LEU A 194 -22.42 -8.96 -4.32
C LEU A 194 -21.47 -10.05 -4.75
N HIS A 195 -20.17 -9.76 -4.72
CA HIS A 195 -19.15 -10.66 -5.21
C HIS A 195 -18.44 -11.35 -4.06
N PHE A 196 -18.43 -12.68 -4.08
CA PHE A 196 -17.81 -13.50 -3.06
C PHE A 196 -16.61 -14.24 -3.65
N LYS A 197 -15.50 -14.21 -2.91
CA LYS A 197 -14.27 -14.93 -3.25
C LYS A 197 -13.96 -15.87 -2.10
N MET A 198 -14.00 -17.17 -2.37
CA MET A 198 -13.72 -18.19 -1.37
C MET A 198 -12.35 -18.80 -1.62
N PHE A 199 -11.53 -18.85 -0.57
CA PHE A 199 -10.18 -19.41 -0.66
C PHE A 199 -10.15 -20.75 0.08
N ASP A 200 -9.82 -21.82 -0.65
CA ASP A 200 -9.63 -23.14 -0.08
C ASP A 200 -8.14 -23.43 -0.04
N VAL A 201 -7.62 -23.72 1.15
CA VAL A 201 -6.19 -23.86 1.37
C VAL A 201 -5.85 -25.24 1.95
N GLY A 202 -6.72 -26.22 1.74
CA GLY A 202 -6.52 -27.53 2.30
C GLY A 202 -5.50 -28.41 1.61
N GLY A 203 -4.91 -27.94 0.50
CA GLY A 203 -3.92 -28.73 -0.21
C GLY A 203 -2.49 -28.32 0.08
N GLN A 204 -2.28 -27.54 1.14
CA GLN A 204 -0.94 -27.08 1.46
C GLN A 204 -0.12 -28.15 2.17
N ARG A 205 -0.64 -28.69 3.27
CA ARG A 205 0.03 -29.73 4.06
C ARG A 205 1.41 -29.28 4.52
N SER A 206 1.51 -28.01 4.93
CA SER A 206 2.78 -27.47 5.42
C SER A 206 2.60 -26.84 6.79
N GLU A 207 3.62 -26.12 7.27
CA GLU A 207 3.54 -25.45 8.56
C GLU A 207 2.45 -24.38 8.54
N ARG A 208 1.36 -24.61 9.26
CA ARG A 208 0.20 -23.73 9.19
C ARG A 208 0.44 -22.40 9.90
N LYS A 209 1.47 -22.29 10.72
CA LYS A 209 1.68 -21.09 11.52
C LYS A 209 2.56 -20.05 10.82
N LYS A 210 2.99 -20.29 9.58
CA LYS A 210 3.86 -19.36 8.89
C LYS A 210 3.23 -18.74 7.65
N TRP A 211 2.09 -19.24 7.19
CA TRP A 211 1.34 -18.58 6.13
C TRP A 211 -0.07 -18.20 6.57
N ILE A 212 -0.39 -18.32 7.86
CA ILE A 212 -1.73 -17.99 8.34
C ILE A 212 -1.90 -16.50 8.58
N HIS A 213 -0.82 -15.74 8.74
CA HIS A 213 -0.95 -14.30 8.93
C HIS A 213 -1.30 -13.57 7.64
N CYS A 214 -1.21 -14.24 6.49
CA CYS A 214 -1.60 -13.64 5.22
C CYS A 214 -3.10 -13.46 5.10
N PHE A 215 -3.89 -14.04 5.99
CA PHE A 215 -5.35 -14.02 5.90
C PHE A 215 -5.99 -13.11 6.93
N GLU A 216 -5.24 -12.16 7.48
CA GLU A 216 -5.86 -11.11 8.27
C GLU A 216 -6.79 -10.26 7.41
N GLY A 217 -7.86 -9.79 8.02
CA GLY A 217 -8.81 -8.94 7.33
C GLY A 217 -9.82 -9.68 6.49
N VAL A 218 -9.75 -11.01 6.42
CA VAL A 218 -10.79 -11.77 5.74
C VAL A 218 -12.09 -11.58 6.47
N THR A 219 -13.20 -11.53 5.72
CA THR A 219 -14.48 -11.19 6.33
C THR A 219 -14.96 -12.29 7.28
N ALA A 220 -14.88 -13.55 6.85
CA ALA A 220 -15.38 -14.64 7.68
C ALA A 220 -14.61 -15.92 7.39
N ILE A 221 -14.63 -16.81 8.37
CA ILE A 221 -14.02 -18.13 8.27
C ILE A 221 -15.13 -19.16 8.25
N ILE A 222 -15.20 -19.95 7.19
CA ILE A 222 -16.22 -20.98 7.06
C ILE A 222 -15.63 -22.31 7.51
N PHE A 223 -16.28 -22.94 8.49
CA PHE A 223 -15.82 -24.22 9.03
C PHE A 223 -16.87 -25.28 8.72
N CYS A 224 -16.41 -26.49 8.40
CA CYS A 224 -17.30 -27.59 8.03
C CYS A 224 -17.02 -28.79 8.91
N VAL A 225 -18.09 -29.43 9.39
CA VAL A 225 -17.99 -30.60 10.24
C VAL A 225 -19.06 -31.60 9.83
N ALA A 226 -18.68 -32.88 9.80
CA ALA A 226 -19.60 -33.97 9.48
C ALA A 226 -20.16 -34.57 10.76
N LEU A 227 -21.49 -34.66 10.83
CA LEU A 227 -22.16 -35.16 12.02
C LEU A 227 -22.14 -36.68 12.13
N SER A 228 -21.81 -37.39 11.06
CA SER A 228 -21.83 -38.85 11.05
C SER A 228 -20.51 -39.48 11.48
N ASP A 229 -19.52 -38.68 11.87
CA ASP A 229 -18.21 -39.18 12.24
C ASP A 229 -18.05 -39.32 13.75
N TYR A 230 -19.14 -39.29 14.51
CA TYR A 230 -19.03 -39.31 15.96
C TYR A 230 -18.49 -40.64 16.48
N ASP A 231 -18.95 -41.76 15.92
CA ASP A 231 -18.50 -43.06 16.39
C ASP A 231 -17.21 -43.53 15.75
N LEU A 232 -16.75 -42.88 14.68
CA LEU A 232 -15.55 -43.30 13.97
C LEU A 232 -14.28 -42.97 14.77
N MET A 240 -7.42 -41.17 17.03
CA MET A 240 -8.58 -41.26 17.91
C MET A 240 -9.87 -40.97 17.17
N ASN A 241 -10.87 -40.48 17.90
CA ASN A 241 -12.14 -40.13 17.29
C ASN A 241 -11.99 -38.93 16.38
N ARG A 242 -12.73 -38.92 15.27
CA ARG A 242 -12.67 -37.81 14.33
C ARG A 242 -13.21 -36.53 14.95
N MET A 243 -14.30 -36.64 15.71
CA MET A 243 -14.92 -35.46 16.30
C MET A 243 -13.99 -34.75 17.27
N HIS A 244 -13.22 -35.51 18.06
CA HIS A 244 -12.28 -34.89 18.99
C HIS A 244 -11.20 -34.14 18.24
N GLU A 245 -10.69 -34.71 17.14
CA GLU A 245 -9.68 -34.00 16.34
C GLU A 245 -10.27 -32.74 15.72
N SER A 246 -11.52 -32.81 15.26
CA SER A 246 -12.19 -31.61 14.76
C SER A 246 -12.32 -30.57 15.86
N MET A 247 -12.59 -31.01 17.09
CA MET A 247 -12.64 -30.07 18.22
C MET A 247 -11.29 -29.41 18.43
N LYS A 248 -10.20 -30.18 18.35
CA LYS A 248 -8.87 -29.58 18.49
C LYS A 248 -8.62 -28.55 17.41
N LEU A 249 -9.00 -28.86 16.17
CA LEU A 249 -8.78 -27.92 15.07
C LEU A 249 -9.61 -26.65 15.25
N PHE A 250 -10.87 -26.80 15.66
CA PHE A 250 -11.72 -25.64 15.90
C PHE A 250 -11.17 -24.78 17.03
N ASP A 251 -10.71 -25.40 18.11
CA ASP A 251 -10.15 -24.66 19.22
C ASP A 251 -8.88 -23.92 18.78
N SER A 252 -8.02 -24.59 18.00
CA SER A 252 -6.79 -23.97 17.57
C SER A 252 -7.04 -22.78 16.65
N ILE A 253 -8.01 -22.90 15.74
CA ILE A 253 -8.21 -21.82 14.77
C ILE A 253 -9.08 -20.70 15.33
N CYS A 254 -9.94 -21.00 16.31
CA CYS A 254 -10.84 -19.98 16.83
C CYS A 254 -10.13 -19.02 17.79
N ASN A 255 -9.13 -19.49 18.52
CA ASN A 255 -8.46 -18.69 19.54
C ASN A 255 -7.09 -18.18 19.09
N ASN A 256 -6.82 -18.19 17.78
CA ASN A 256 -5.56 -17.68 17.27
C ASN A 256 -5.48 -16.17 17.47
N LYS A 257 -4.25 -15.68 17.52
CA LYS A 257 -4.03 -14.24 17.75
C LYS A 257 -4.29 -13.39 16.51
N TRP A 258 -4.40 -14.00 15.33
CA TRP A 258 -4.76 -13.27 14.12
C TRP A 258 -6.26 -13.24 13.87
N PHE A 259 -7.04 -14.01 14.63
CA PHE A 259 -8.48 -14.11 14.44
C PHE A 259 -9.21 -13.81 15.74
N THR A 260 -8.83 -12.71 16.38
CA THR A 260 -9.49 -12.30 17.62
C THR A 260 -10.79 -11.55 17.38
N ASP A 261 -11.09 -11.16 16.15
CA ASP A 261 -12.33 -10.44 15.85
C ASP A 261 -12.95 -10.90 14.54
N THR A 262 -12.67 -12.13 14.13
CA THR A 262 -13.16 -12.67 12.86
C THR A 262 -14.27 -13.68 13.12
N SER A 263 -15.41 -13.49 12.46
CA SER A 263 -16.55 -14.35 12.69
C SER A 263 -16.36 -15.71 12.00
N ILE A 264 -16.98 -16.72 12.59
CA ILE A 264 -16.91 -18.09 12.09
C ILE A 264 -18.32 -18.53 11.72
N ILE A 265 -18.48 -19.04 10.51
CA ILE A 265 -19.74 -19.61 10.05
C ILE A 265 -19.55 -21.12 10.05
N LEU A 266 -20.30 -21.82 10.90
CA LEU A 266 -20.09 -23.24 11.14
C LEU A 266 -21.19 -24.04 10.45
N PHE A 267 -20.79 -25.04 9.69
CA PHE A 267 -21.71 -25.93 8.98
C PHE A 267 -21.61 -27.32 9.57
N LEU A 268 -22.77 -27.93 9.86
CA LEU A 268 -22.86 -29.30 10.33
C LEU A 268 -23.63 -30.08 9.26
N ASN A 269 -22.92 -30.90 8.50
CA ASN A 269 -23.51 -31.56 7.34
C ASN A 269 -23.62 -33.06 7.55
N LYS A 270 -24.08 -33.76 6.50
CA LYS A 270 -24.38 -35.19 6.56
C LYS A 270 -25.43 -35.48 7.64
N LYS A 271 -26.45 -34.62 7.71
CA LYS A 271 -27.50 -34.77 8.71
C LYS A 271 -28.42 -35.95 8.40
N ASP A 272 -28.71 -36.17 7.11
CA ASP A 272 -29.63 -37.24 6.73
C ASP A 272 -29.07 -38.60 7.13
N LEU A 273 -27.77 -38.81 6.97
CA LEU A 273 -27.16 -40.02 7.50
C LEU A 273 -27.15 -40.02 9.02
N PHE A 274 -26.95 -38.84 9.63
CA PHE A 274 -26.80 -38.77 11.08
C PHE A 274 -28.08 -39.18 11.81
N GLU A 275 -29.25 -38.76 11.29
CA GLU A 275 -30.49 -39.08 11.99
C GLU A 275 -30.75 -40.58 12.01
N GLU A 276 -30.51 -41.26 10.89
CA GLU A 276 -30.71 -42.70 10.87
C GLU A 276 -29.62 -43.43 11.65
N LYS A 277 -28.40 -42.90 11.65
CA LYS A 277 -27.34 -43.49 12.47
C LYS A 277 -27.67 -43.37 13.95
N ILE A 278 -28.28 -42.26 14.36
CA ILE A 278 -28.71 -42.10 15.74
C ILE A 278 -29.85 -43.06 16.06
N LYS A 279 -30.84 -43.17 15.17
CA LYS A 279 -31.92 -44.10 15.46
C LYS A 279 -31.46 -45.55 15.38
N LYS A 280 -30.25 -45.80 14.86
CA LYS A 280 -29.67 -47.14 14.88
C LYS A 280 -28.56 -47.31 15.91
N SER A 281 -27.83 -46.25 16.25
CA SER A 281 -26.72 -46.33 17.19
C SER A 281 -26.79 -45.18 18.18
N PRO A 282 -26.36 -45.41 19.41
CA PRO A 282 -26.40 -44.34 20.43
C PRO A 282 -25.23 -43.38 20.29
N LEU A 283 -25.36 -42.24 20.96
CA LEU A 283 -24.33 -41.20 20.95
C LEU A 283 -23.32 -41.35 22.08
N THR A 284 -23.56 -42.26 23.03
CA THR A 284 -22.68 -42.38 24.19
C THR A 284 -21.30 -42.91 23.84
N ILE A 285 -21.10 -43.44 22.63
CA ILE A 285 -19.78 -43.93 22.24
C ILE A 285 -18.78 -42.79 22.22
N CYS A 286 -19.15 -41.67 21.62
CA CYS A 286 -18.29 -40.49 21.57
C CYS A 286 -18.36 -39.67 22.85
N TYR A 287 -19.54 -39.58 23.46
CA TYR A 287 -19.73 -38.76 24.64
C TYR A 287 -19.99 -39.62 25.86
N PRO A 288 -19.02 -39.78 26.77
CA PRO A 288 -19.28 -40.60 27.96
C PRO A 288 -20.24 -39.93 28.94
N GLU A 289 -20.09 -38.63 29.16
CA GLU A 289 -20.93 -37.90 30.10
C GLU A 289 -22.07 -37.20 29.37
N TYR A 290 -23.04 -38.01 28.94
CA TYR A 290 -24.23 -37.52 28.25
C TYR A 290 -25.44 -38.21 28.85
N ALA A 291 -26.24 -37.44 29.59
CA ALA A 291 -27.42 -37.98 30.28
C ALA A 291 -28.71 -37.80 29.49
N GLY A 292 -28.64 -37.25 28.28
CA GLY A 292 -29.83 -37.04 27.49
C GLY A 292 -30.32 -38.31 26.83
N SER A 293 -31.45 -38.16 26.12
CA SER A 293 -32.06 -39.29 25.42
C SER A 293 -31.30 -39.54 24.12
N ASN A 294 -31.83 -40.44 23.29
CA ASN A 294 -31.20 -40.83 22.04
C ASN A 294 -31.97 -40.35 20.81
N THR A 295 -32.60 -39.18 20.91
CA THR A 295 -33.32 -38.60 19.79
C THR A 295 -32.44 -37.60 19.05
N TYR A 296 -32.83 -37.33 17.80
CA TYR A 296 -32.06 -36.41 16.96
C TYR A 296 -32.08 -34.99 17.53
N GLU A 297 -33.26 -34.51 17.93
CA GLU A 297 -33.41 -33.12 18.31
C GLU A 297 -32.56 -32.76 19.52
N GLU A 298 -32.28 -33.72 20.39
CA GLU A 298 -31.47 -33.46 21.56
C GLU A 298 -29.98 -33.67 21.29
N ALA A 299 -29.63 -34.72 20.56
CA ALA A 299 -28.23 -34.99 20.26
C ALA A 299 -27.63 -33.88 19.40
N ALA A 300 -28.38 -33.40 18.40
CA ALA A 300 -27.88 -32.33 17.55
C ALA A 300 -27.63 -31.06 18.35
N ALA A 301 -28.57 -30.71 19.23
CA ALA A 301 -28.39 -29.53 20.07
C ALA A 301 -27.21 -29.70 21.02
N TYR A 302 -27.04 -30.89 21.57
CA TYR A 302 -25.92 -31.14 22.46
C TYR A 302 -24.59 -30.98 21.73
N ILE A 303 -24.49 -31.51 20.51
CA ILE A 303 -23.25 -31.36 19.74
C ILE A 303 -23.02 -29.90 19.39
N GLN A 304 -24.08 -29.18 19.01
CA GLN A 304 -23.94 -27.77 18.65
C GLN A 304 -23.43 -26.96 19.83
N CYS A 305 -24.02 -27.15 21.02
CA CYS A 305 -23.56 -26.41 22.19
C CYS A 305 -22.22 -26.90 22.68
N GLN A 306 -21.83 -28.14 22.35
CA GLN A 306 -20.48 -28.61 22.65
C GLN A 306 -19.45 -27.93 21.78
N PHE A 307 -19.80 -27.65 20.52
CA PHE A 307 -18.87 -26.91 19.65
C PHE A 307 -18.83 -25.43 19.97
N GLU A 308 -19.98 -24.84 20.35
CA GLU A 308 -20.09 -23.39 20.37
C GLU A 308 -19.47 -22.75 21.61
N ASP A 309 -19.08 -23.53 22.62
CA ASP A 309 -18.50 -22.98 23.84
C ASP A 309 -16.99 -23.09 23.87
N LEU A 310 -16.35 -23.41 22.75
CA LEU A 310 -14.90 -23.49 22.69
C LEU A 310 -14.23 -22.15 22.44
N ASN A 311 -14.99 -21.08 22.27
CA ASN A 311 -14.43 -19.76 22.06
C ASN A 311 -14.21 -19.03 23.38
N LYS A 312 -13.03 -18.43 23.53
CA LYS A 312 -12.74 -17.61 24.69
C LYS A 312 -13.10 -16.15 24.48
N ARG A 313 -13.50 -15.77 23.28
CA ARG A 313 -13.89 -14.40 22.95
C ARG A 313 -15.41 -14.42 22.73
N LYS A 314 -16.15 -14.26 23.82
CA LYS A 314 -17.62 -14.30 23.74
C LYS A 314 -18.23 -12.97 23.37
N ASP A 315 -17.43 -11.90 23.27
CA ASP A 315 -17.93 -10.56 22.99
C ASP A 315 -17.42 -9.98 21.68
N THR A 316 -16.14 -10.19 21.35
CA THR A 316 -15.60 -9.60 20.13
C THR A 316 -16.06 -10.34 18.88
N LYS A 317 -16.24 -11.66 18.97
CA LYS A 317 -16.58 -12.47 17.81
C LYS A 317 -17.82 -13.29 18.11
N GLU A 318 -18.53 -13.66 17.04
CA GLU A 318 -19.76 -14.43 17.14
C GLU A 318 -19.68 -15.64 16.23
N ILE A 319 -20.44 -16.68 16.56
CA ILE A 319 -20.44 -17.94 15.83
C ILE A 319 -21.84 -18.19 15.29
N TYR A 320 -21.94 -18.44 13.99
CA TYR A 320 -23.21 -18.74 13.34
C TYR A 320 -23.22 -20.21 12.96
N THR A 321 -24.32 -20.90 13.29
CA THR A 321 -24.43 -22.33 13.08
C THR A 321 -25.59 -22.63 12.14
N HIS A 322 -25.42 -23.65 11.31
CA HIS A 322 -26.45 -24.06 10.38
C HIS A 322 -26.40 -25.57 10.21
N PHE A 323 -27.56 -26.16 9.93
CA PHE A 323 -27.69 -27.59 9.64
C PHE A 323 -28.08 -27.74 8.18
N THR A 324 -27.27 -28.48 7.42
CA THR A 324 -27.47 -28.59 5.99
C THR A 324 -27.15 -30.01 5.54
N CYS A 325 -27.51 -30.29 4.29
CA CYS A 325 -27.21 -31.58 3.67
C CYS A 325 -27.14 -31.36 2.16
N ALA A 326 -27.05 -32.47 1.42
CA ALA A 326 -26.90 -32.37 -0.04
C ALA A 326 -28.13 -31.75 -0.69
N THR A 327 -29.32 -32.14 -0.24
CA THR A 327 -30.54 -31.70 -0.91
C THR A 327 -30.88 -30.24 -0.64
N ASP A 328 -30.29 -29.64 0.38
CA ASP A 328 -30.60 -28.24 0.71
C ASP A 328 -30.03 -27.30 -0.34
N THR A 329 -30.71 -26.17 -0.53
CA THR A 329 -30.35 -25.21 -1.58
C THR A 329 -30.13 -23.81 -1.02
N LYS A 330 -30.68 -23.54 0.17
CA LYS A 330 -30.69 -22.20 0.72
C LYS A 330 -29.43 -21.88 1.54
N ASN A 331 -28.32 -22.58 1.30
CA ASN A 331 -27.09 -22.27 2.02
C ASN A 331 -26.56 -20.89 1.64
N VAL A 332 -26.67 -20.52 0.36
CA VAL A 332 -26.15 -19.24 -0.09
C VAL A 332 -26.88 -18.09 0.60
N GLN A 333 -28.19 -18.23 0.80
CA GLN A 333 -28.93 -17.20 1.52
C GLN A 333 -28.43 -17.04 2.94
N PHE A 334 -28.15 -18.16 3.61
CA PHE A 334 -27.62 -18.08 4.98
C PHE A 334 -26.27 -17.38 5.00
N VAL A 335 -25.39 -17.73 4.05
CA VAL A 335 -24.09 -17.08 3.99
C VAL A 335 -24.24 -15.58 3.75
N PHE A 336 -25.16 -15.20 2.86
CA PHE A 336 -25.38 -13.79 2.57
C PHE A 336 -25.88 -13.03 3.79
N ASP A 337 -26.85 -13.59 4.51
CA ASP A 337 -27.35 -12.92 5.71
C ASP A 337 -26.27 -12.79 6.77
N ALA A 338 -25.49 -13.86 6.99
CA ALA A 338 -24.44 -13.79 8.00
C ALA A 338 -23.39 -12.75 7.65
N VAL A 339 -22.98 -12.70 6.38
CA VAL A 339 -21.94 -11.75 5.98
C VAL A 339 -22.47 -10.33 6.03
N THR A 340 -23.75 -10.12 5.69
CA THR A 340 -24.32 -8.78 5.81
C THR A 340 -24.37 -8.33 7.27
N ASP A 341 -24.72 -9.25 8.18
CA ASP A 341 -24.69 -8.90 9.60
C ASP A 341 -23.28 -8.54 10.05
N VAL A 342 -22.29 -9.32 9.63
CA VAL A 342 -20.91 -9.03 10.02
C VAL A 342 -20.49 -7.66 9.51
N ILE A 343 -20.82 -7.37 8.24
CA ILE A 343 -20.42 -6.09 7.64
C ILE A 343 -21.11 -4.92 8.35
N ILE A 344 -22.40 -5.07 8.66
CA ILE A 344 -23.14 -4.01 9.34
C ILE A 344 -22.55 -3.74 10.72
N LYS A 345 -22.24 -4.80 11.46
CA LYS A 345 -21.65 -4.60 12.79
C LYS A 345 -20.27 -3.96 12.71
N ASN A 346 -19.48 -4.36 11.71
CA ASN A 346 -18.16 -3.74 11.54
C ASN A 346 -18.30 -2.25 11.21
N ASN A 347 -19.25 -1.91 10.33
CA ASN A 347 -19.48 -0.50 10.00
C ASN A 347 -19.92 0.29 11.21
N LEU A 348 -20.84 -0.28 12.01
CA LEU A 348 -21.30 0.42 13.21
C LEU A 348 -20.17 0.63 14.20
N LYS A 349 -19.30 -0.36 14.35
CA LYS A 349 -18.15 -0.19 15.24
C LYS A 349 -17.17 0.85 14.70
N ASP A 350 -17.00 0.92 13.38
CA ASP A 350 -16.04 1.84 12.79
C ASP A 350 -16.44 3.30 13.01
N CYS A 351 -17.73 3.61 12.87
CA CYS A 351 -18.18 4.99 12.98
C CYS A 351 -18.29 5.49 14.41
N GLY A 352 -17.85 4.71 15.39
CA GLY A 352 -17.82 5.14 16.76
C GLY A 352 -19.14 5.03 17.50
N LEU A 353 -20.20 4.54 16.85
CA LEU A 353 -21.49 4.43 17.52
C LEU A 353 -21.43 3.40 18.65
N PHE A 354 -20.77 2.28 18.41
CA PHE A 354 -20.65 1.23 19.41
C PHE A 354 -19.44 1.48 20.31
N GLU B 19 20.78 -52.08 11.82
CA GLU B 19 19.55 -51.81 12.56
C GLU B 19 19.35 -50.32 12.76
N LEU B 20 18.09 -49.92 12.98
CA LEU B 20 17.80 -48.51 13.25
C LEU B 20 18.46 -48.05 14.54
N ASP B 21 18.43 -48.88 15.57
CA ASP B 21 19.03 -48.52 16.85
C ASP B 21 20.53 -48.32 16.73
N GLN B 22 21.22 -49.23 16.02
CA GLN B 22 22.65 -49.08 15.82
C GLN B 22 22.96 -47.82 15.02
N LEU B 23 22.16 -47.54 13.99
CA LEU B 23 22.41 -46.36 13.17
C LEU B 23 22.19 -45.08 13.95
N ARG B 24 21.15 -45.00 14.77
CA ARG B 24 20.95 -43.80 15.57
C ARG B 24 22.02 -43.66 16.65
N GLN B 25 22.49 -44.78 17.21
CA GLN B 25 23.58 -44.72 18.19
C GLN B 25 24.86 -44.19 17.54
N GLU B 26 25.19 -44.68 16.35
CA GLU B 26 26.40 -44.19 15.69
C GLU B 26 26.24 -42.76 15.20
N ALA B 27 25.02 -42.35 14.83
CA ALA B 27 24.78 -40.95 14.50
C ALA B 27 24.98 -40.05 15.72
N GLU B 28 24.50 -40.50 16.88
CA GLU B 28 24.73 -39.73 18.11
C GLU B 28 26.22 -39.66 18.44
N GLN B 29 26.94 -40.76 18.24
CA GLN B 29 28.38 -40.75 18.48
C GLN B 29 29.09 -39.78 17.54
N LEU B 30 28.70 -39.77 16.26
CA LEU B 30 29.29 -38.84 15.31
C LEU B 30 28.97 -37.40 15.68
N LYS B 31 27.74 -37.13 16.12
CA LYS B 31 27.40 -35.78 16.55
C LYS B 31 28.22 -35.36 17.76
N ASN B 32 28.41 -36.28 18.71
CA ASN B 32 29.25 -35.97 19.87
C ASN B 32 30.69 -35.68 19.45
N GLN B 33 31.22 -36.47 18.51
CA GLN B 33 32.58 -36.23 18.03
C GLN B 33 32.69 -34.88 17.34
N ILE B 34 31.68 -34.52 16.53
CA ILE B 34 31.68 -33.24 15.85
C ILE B 34 31.64 -32.10 16.85
N ARG B 35 30.79 -32.22 17.87
CA ARG B 35 30.73 -31.18 18.89
C ARG B 35 32.05 -31.05 19.65
N ASP B 36 32.68 -32.19 19.96
CA ASP B 36 33.96 -32.14 20.66
C ASP B 36 35.03 -31.48 19.80
N ALA B 37 35.08 -31.80 18.50
CA ALA B 37 36.03 -31.15 17.61
C ALA B 37 35.75 -29.65 17.49
N ARG B 38 34.47 -29.28 17.45
CA ARG B 38 34.10 -27.87 17.39
C ARG B 38 34.56 -27.13 18.63
N LYS B 39 34.40 -27.74 19.81
CA LYS B 39 34.90 -27.14 21.03
C LYS B 39 36.42 -27.05 21.02
N ALA B 40 37.09 -28.08 20.50
CA ALA B 40 38.54 -28.11 20.48
C ALA B 40 39.12 -27.01 19.58
N CYS B 41 38.51 -26.78 18.42
CA CYS B 41 39.05 -25.82 17.47
C CYS B 41 38.71 -24.36 17.83
N ALA B 42 38.13 -24.12 18.99
CA ALA B 42 37.82 -22.77 19.46
C ALA B 42 38.82 -22.38 20.55
N ASP B 43 39.45 -21.22 20.39
CA ASP B 43 40.45 -20.74 21.32
C ASP B 43 40.05 -19.45 22.02
N ALA B 44 39.69 -18.41 21.27
CA ALA B 44 39.37 -17.12 21.86
C ALA B 44 38.16 -16.52 21.17
N THR B 45 37.31 -15.85 21.95
CA THR B 45 36.15 -15.17 21.39
C THR B 45 36.58 -13.92 20.65
N LEU B 46 35.89 -13.63 19.54
CA LEU B 46 36.22 -12.44 18.76
C LEU B 46 36.03 -11.17 19.56
N SER B 47 35.09 -11.18 20.52
CA SER B 47 34.92 -10.03 21.39
C SER B 47 36.17 -9.75 22.21
N GLN B 48 36.93 -10.79 22.56
CA GLN B 48 38.18 -10.58 23.29
C GLN B 48 39.19 -9.82 22.45
N ILE B 49 39.29 -10.13 21.16
CA ILE B 49 40.19 -9.40 20.28
C ILE B 49 39.68 -7.97 20.08
N THR B 50 38.39 -7.81 19.80
CA THR B 50 37.82 -6.50 19.50
C THR B 50 37.31 -5.78 20.75
N ASN B 51 37.82 -6.12 21.93
CA ASN B 51 37.39 -5.44 23.14
C ASN B 51 37.77 -3.97 23.13
N ASN B 52 38.97 -3.66 22.67
CA ASN B 52 39.47 -2.27 22.65
C ASN B 52 39.55 -1.82 21.20
N ILE B 53 38.41 -1.39 20.67
CA ILE B 53 38.28 -0.85 19.32
C ILE B 53 37.38 0.37 19.39
N ASP B 54 37.71 1.40 18.64
CA ASP B 54 36.93 2.63 18.68
C ASP B 54 35.50 2.36 18.21
N PRO B 55 34.49 2.68 19.00
CA PRO B 55 33.11 2.42 18.59
C PRO B 55 32.67 3.37 17.48
N VAL B 56 31.59 2.97 16.81
CA VAL B 56 31.07 3.77 15.70
C VAL B 56 30.29 4.99 16.18
N GLY B 57 29.82 4.99 17.43
CA GLY B 57 29.05 6.10 17.94
C GLY B 57 27.61 6.05 17.47
N ARG B 58 26.81 6.96 18.02
CA ARG B 58 25.41 7.05 17.64
C ARG B 58 25.26 7.47 16.19
N ILE B 59 24.39 6.78 15.46
CA ILE B 59 24.17 7.01 14.04
C ILE B 59 22.73 7.47 13.86
N GLN B 60 22.55 8.64 13.25
CA GLN B 60 21.24 9.20 12.99
C GLN B 60 20.98 9.16 11.48
N MET B 61 19.89 8.51 11.09
CA MET B 61 19.48 8.45 9.69
C MET B 61 18.10 9.08 9.56
N ARG B 62 17.91 9.85 8.50
CA ARG B 62 16.66 10.56 8.26
C ARG B 62 15.98 10.03 7.01
N THR B 63 14.65 10.16 7.00
CA THR B 63 13.84 9.74 5.86
C THR B 63 13.95 10.77 4.75
N ARG B 64 14.47 10.35 3.60
CA ARG B 64 14.60 11.25 2.46
C ARG B 64 13.39 11.19 1.54
N ARG B 65 12.83 10.00 1.31
CA ARG B 65 11.67 9.84 0.46
C ARG B 65 10.66 8.94 1.14
N THR B 66 9.40 9.05 0.70
CA THR B 66 8.35 8.14 1.10
C THR B 66 7.54 7.79 -0.14
N LEU B 67 7.39 6.50 -0.42
CA LEU B 67 6.86 6.03 -1.68
C LEU B 67 5.44 5.50 -1.44
N ARG B 68 4.45 6.35 -1.69
CA ARG B 68 3.06 5.97 -1.58
C ARG B 68 2.59 5.23 -2.83
N GLY B 69 1.49 4.50 -2.70
CA GLY B 69 0.90 3.85 -3.84
C GLY B 69 0.34 2.47 -3.61
N HIS B 70 0.93 1.71 -2.69
CA HIS B 70 0.40 0.39 -2.36
C HIS B 70 -0.85 0.52 -1.49
N LEU B 71 -1.70 -0.50 -1.54
CA LEU B 71 -2.97 -0.49 -0.82
C LEU B 71 -3.13 -1.74 0.04
N ALA B 72 -2.03 -2.35 0.45
CA ALA B 72 -2.06 -3.54 1.29
C ALA B 72 -0.67 -3.75 1.86
N LYS B 73 -0.45 -4.88 2.52
CA LYS B 73 0.84 -5.17 3.11
C LYS B 73 1.90 -5.38 2.03
N ILE B 74 3.14 -5.05 2.36
CA ILE B 74 4.27 -5.20 1.46
C ILE B 74 5.12 -6.36 1.97
N TYR B 75 5.44 -7.32 1.10
CA TYR B 75 6.16 -8.49 1.55
C TYR B 75 7.59 -8.63 1.04
N ALA B 76 7.97 -7.90 -0.01
CA ALA B 76 9.32 -8.05 -0.52
C ALA B 76 9.75 -6.78 -1.24
N MET B 77 11.06 -6.60 -1.35
CA MET B 77 11.66 -5.51 -2.11
C MET B 77 13.08 -5.91 -2.47
N HIS B 78 13.56 -5.41 -3.60
CA HIS B 78 14.90 -5.72 -4.07
C HIS B 78 15.48 -4.53 -4.80
N TRP B 79 16.74 -4.20 -4.50
CA TRP B 79 17.41 -3.09 -5.16
C TRP B 79 17.98 -3.54 -6.49
N GLY B 80 17.95 -2.64 -7.48
CA GLY B 80 18.58 -2.91 -8.75
C GLY B 80 20.08 -2.74 -8.68
N THR B 81 20.75 -3.23 -9.73
CA THR B 81 22.21 -3.10 -9.78
C THR B 81 22.64 -1.68 -10.09
N ASP B 82 21.82 -0.92 -10.82
CA ASP B 82 22.11 0.49 -11.07
C ASP B 82 21.97 1.34 -9.81
N SER B 83 21.40 0.79 -8.74
CA SER B 83 21.26 1.49 -7.46
C SER B 83 20.34 2.70 -7.56
N ARG B 84 19.42 2.69 -8.51
CA ARG B 84 18.46 3.78 -8.64
C ARG B 84 17.03 3.25 -8.72
N LEU B 85 16.87 2.06 -9.29
CA LEU B 85 15.56 1.47 -9.50
C LEU B 85 15.36 0.33 -8.51
N LEU B 86 14.13 0.19 -8.00
CA LEU B 86 13.82 -0.90 -7.08
C LEU B 86 12.44 -1.44 -7.40
N VAL B 87 12.13 -2.60 -6.81
CA VAL B 87 10.90 -3.33 -7.08
C VAL B 87 10.27 -3.72 -5.75
N SER B 88 8.94 -3.65 -5.66
CA SER B 88 8.22 -4.04 -4.46
C SER B 88 7.00 -4.87 -4.83
N ALA B 89 6.63 -5.79 -3.93
CA ALA B 89 5.50 -6.69 -4.14
C ALA B 89 4.54 -6.58 -2.95
N SER B 90 3.25 -6.47 -3.25
CA SER B 90 2.24 -6.31 -2.22
C SER B 90 1.17 -7.38 -2.34
N GLN B 91 0.33 -7.47 -1.30
CA GLN B 91 -0.78 -8.40 -1.26
C GLN B 91 -2.00 -7.93 -2.04
N ASP B 92 -1.98 -6.72 -2.57
CA ASP B 92 -3.05 -6.28 -3.46
C ASP B 92 -2.86 -6.75 -4.89
N GLY B 93 -2.06 -7.79 -5.09
CA GLY B 93 -1.79 -8.31 -6.41
C GLY B 93 -1.04 -7.34 -7.31
N LYS B 94 -0.05 -6.64 -6.77
CA LYS B 94 0.67 -5.62 -7.52
C LYS B 94 2.16 -5.74 -7.30
N LEU B 95 2.91 -5.50 -8.37
CA LEU B 95 4.37 -5.48 -8.36
C LEU B 95 4.80 -4.18 -9.03
N ILE B 96 5.43 -3.29 -8.28
CA ILE B 96 5.67 -1.92 -8.74
C ILE B 96 7.17 -1.66 -8.79
N ILE B 97 7.61 -0.99 -9.85
CA ILE B 97 9.00 -0.60 -10.02
C ILE B 97 9.10 0.90 -9.82
N TRP B 98 9.96 1.33 -8.90
CA TRP B 98 10.12 2.72 -8.52
C TRP B 98 11.50 3.23 -8.89
N ASP B 99 11.56 4.52 -9.19
CA ASP B 99 12.81 5.27 -9.28
C ASP B 99 13.04 5.95 -7.95
N SER B 100 14.17 5.66 -7.32
CA SER B 100 14.40 6.15 -5.96
C SER B 100 14.77 7.62 -5.91
N TYR B 101 15.42 8.14 -6.95
CA TYR B 101 15.84 9.54 -6.94
C TYR B 101 14.63 10.47 -6.97
N THR B 102 13.71 10.25 -7.91
CA THR B 102 12.45 10.97 -7.98
C THR B 102 11.34 9.95 -7.92
N THR B 103 10.42 10.11 -6.97
CA THR B 103 9.47 9.04 -6.67
C THR B 103 8.43 8.89 -7.76
N ASN B 104 8.85 8.47 -8.95
CA ASN B 104 7.95 8.18 -10.06
C ASN B 104 7.82 6.68 -10.23
N LYS B 105 6.67 6.25 -10.74
CA LYS B 105 6.38 4.84 -10.95
C LYS B 105 6.69 4.49 -12.40
N VAL B 106 7.72 3.67 -12.60
CA VAL B 106 8.13 3.29 -13.95
C VAL B 106 7.19 2.23 -14.52
N HIS B 107 6.94 1.17 -13.75
CA HIS B 107 6.10 0.06 -14.20
C HIS B 107 5.22 -0.40 -13.05
N ALA B 108 4.01 -0.86 -13.40
CA ALA B 108 3.11 -1.49 -12.45
C ALA B 108 2.54 -2.74 -13.10
N ILE B 109 2.81 -3.90 -12.52
CA ILE B 109 2.49 -5.19 -13.11
C ILE B 109 1.47 -5.88 -12.22
N PRO B 110 0.34 -6.33 -12.77
CA PRO B 110 -0.62 -7.12 -11.99
C PRO B 110 -0.33 -8.61 -12.08
N LEU B 111 -0.39 -9.27 -10.93
CA LEU B 111 -0.08 -10.69 -10.84
C LEU B 111 -1.35 -11.53 -11.01
N ARG B 112 -1.14 -12.80 -11.35
CA ARG B 112 -2.26 -13.73 -11.48
C ARG B 112 -2.83 -14.12 -10.12
N SER B 113 -2.00 -14.21 -9.09
CA SER B 113 -2.45 -14.54 -7.75
C SER B 113 -1.94 -13.50 -6.77
N SER B 114 -2.82 -13.06 -5.86
CA SER B 114 -2.45 -12.02 -4.91
C SER B 114 -1.41 -12.51 -3.91
N TRP B 115 -1.47 -13.77 -3.50
CA TRP B 115 -0.64 -14.29 -2.42
C TRP B 115 0.79 -14.45 -2.92
N VAL B 116 1.53 -13.34 -2.86
CA VAL B 116 2.93 -13.28 -3.27
C VAL B 116 3.76 -12.91 -2.04
N MET B 117 4.87 -13.60 -1.84
CA MET B 117 5.72 -13.33 -0.68
C MET B 117 7.20 -13.30 -1.02
N THR B 118 7.55 -13.13 -2.29
CA THR B 118 8.94 -12.99 -2.67
C THR B 118 9.01 -12.26 -4.00
N CYS B 119 10.17 -11.66 -4.25
CA CYS B 119 10.42 -10.97 -5.52
C CYS B 119 11.92 -10.83 -5.70
N ALA B 120 12.33 -10.66 -6.96
CA ALA B 120 13.74 -10.53 -7.29
C ALA B 120 13.87 -9.63 -8.51
N TYR B 121 15.05 -9.05 -8.67
CA TYR B 121 15.34 -8.12 -9.76
C TYR B 121 16.62 -8.59 -10.43
N ALA B 122 16.57 -8.80 -11.75
CA ALA B 122 17.69 -9.44 -12.44
C ALA B 122 18.93 -8.57 -12.38
N PRO B 123 20.12 -9.17 -12.27
CA PRO B 123 21.35 -8.36 -12.25
C PRO B 123 21.57 -7.56 -13.52
N SER B 124 21.16 -8.10 -14.67
CA SER B 124 21.28 -7.34 -15.91
C SER B 124 20.22 -6.25 -15.99
N GLY B 125 19.01 -6.54 -15.54
CA GLY B 125 17.93 -5.57 -15.52
C GLY B 125 16.80 -5.86 -16.48
N ASN B 126 16.88 -6.94 -17.24
CA ASN B 126 15.87 -7.26 -18.24
C ASN B 126 14.71 -8.08 -17.70
N TYR B 127 14.83 -8.67 -16.52
CA TYR B 127 13.84 -9.63 -16.04
C TYR B 127 13.48 -9.36 -14.59
N VAL B 128 12.29 -9.80 -14.21
CA VAL B 128 11.81 -9.76 -12.83
C VAL B 128 11.19 -11.11 -12.51
N ALA B 129 11.19 -11.50 -11.24
CA ALA B 129 10.62 -12.77 -10.81
C ALA B 129 9.77 -12.56 -9.56
N CYS B 130 8.79 -13.45 -9.39
CA CYS B 130 7.93 -13.40 -8.22
C CYS B 130 7.39 -14.79 -7.91
N GLY B 131 6.96 -14.97 -6.66
CA GLY B 131 6.43 -16.25 -6.22
C GLY B 131 5.68 -16.13 -4.92
N GLY B 132 4.92 -17.17 -4.60
CA GLY B 132 4.11 -17.15 -3.40
C GLY B 132 3.45 -18.47 -3.06
N LEU B 133 2.18 -18.41 -2.67
CA LEU B 133 1.43 -19.57 -2.19
C LEU B 133 0.88 -20.44 -3.31
N ASP B 134 1.20 -20.13 -4.57
CA ASP B 134 0.73 -20.93 -5.70
C ASP B 134 1.74 -21.97 -6.16
N ASN B 135 2.88 -22.09 -5.48
CA ASN B 135 3.90 -23.08 -5.80
C ASN B 135 4.46 -22.91 -7.21
N ILE B 136 4.41 -21.69 -7.73
CA ILE B 136 4.86 -21.39 -9.09
C ILE B 136 5.72 -20.13 -9.04
N CYS B 137 6.81 -20.13 -9.80
CA CYS B 137 7.68 -18.97 -9.93
C CYS B 137 7.45 -18.33 -11.30
N SER B 138 7.06 -17.06 -11.32
CA SER B 138 6.75 -16.37 -12.55
C SER B 138 7.86 -15.39 -12.89
N ILE B 139 8.29 -15.39 -14.15
CA ILE B 139 9.36 -14.53 -14.64
C ILE B 139 8.80 -13.66 -15.75
N TYR B 140 8.94 -12.34 -15.59
CA TYR B 140 8.43 -11.32 -16.50
C TYR B 140 9.59 -10.64 -17.20
N ASN B 141 9.37 -10.31 -18.47
CA ASN B 141 10.36 -9.62 -19.31
C ASN B 141 10.05 -8.13 -19.31
N LEU B 142 11.06 -7.32 -18.97
CA LEU B 142 10.88 -5.88 -18.86
C LEU B 142 11.20 -5.17 -20.18
N LYS B 143 12.42 -5.33 -20.67
CA LYS B 143 12.89 -4.62 -21.86
C LYS B 143 12.48 -5.41 -23.10
N THR B 144 11.25 -5.17 -23.55
CA THR B 144 10.72 -5.78 -24.75
C THR B 144 10.06 -4.70 -25.60
N ARG B 145 9.68 -5.09 -26.82
CA ARG B 145 8.95 -4.19 -27.70
C ARG B 145 7.48 -4.17 -27.26
N GLU B 146 6.62 -3.49 -28.03
CA GLU B 146 5.21 -3.29 -27.71
C GLU B 146 5.03 -2.47 -26.43
N GLY B 147 6.12 -2.08 -25.79
CA GLY B 147 6.07 -1.20 -24.64
C GLY B 147 5.22 -1.68 -23.48
N ASN B 148 5.32 -2.95 -23.13
CA ASN B 148 4.59 -3.49 -21.99
C ASN B 148 5.46 -4.53 -21.30
N VAL B 149 4.86 -5.28 -20.38
CA VAL B 149 5.52 -6.38 -19.69
C VAL B 149 4.70 -7.64 -19.91
N ARG B 150 5.38 -8.74 -20.23
CA ARG B 150 4.74 -10.00 -20.50
C ARG B 150 5.35 -11.10 -19.63
N VAL B 151 4.55 -12.12 -19.35
CA VAL B 151 5.01 -13.24 -18.54
C VAL B 151 5.95 -14.08 -19.40
N SER B 152 7.26 -13.97 -19.15
CA SER B 152 8.24 -14.69 -19.95
C SER B 152 8.14 -16.19 -19.72
N ARG B 153 8.05 -16.62 -18.47
CA ARG B 153 8.11 -18.05 -18.19
C ARG B 153 7.52 -18.36 -16.82
N GLU B 154 6.76 -19.44 -16.74
CA GLU B 154 6.23 -19.96 -15.48
C GLU B 154 6.91 -21.27 -15.16
N LEU B 155 7.46 -21.36 -13.94
CA LEU B 155 8.18 -22.54 -13.48
C LEU B 155 7.38 -23.23 -12.39
N ALA B 156 7.11 -24.52 -12.57
CA ALA B 156 6.34 -25.31 -11.62
C ALA B 156 7.06 -26.62 -11.36
N GLY B 157 6.72 -27.25 -10.24
CA GLY B 157 7.35 -28.49 -9.85
C GLY B 157 7.51 -28.64 -8.34
N HIS B 158 7.40 -27.53 -7.62
CA HIS B 158 7.42 -27.59 -6.17
C HIS B 158 6.06 -28.03 -5.64
N THR B 159 6.08 -28.62 -4.45
CA THR B 159 4.86 -29.07 -3.77
C THR B 159 4.51 -28.22 -2.56
N GLY B 160 5.31 -27.22 -2.23
CA GLY B 160 5.00 -26.31 -1.14
C GLY B 160 5.12 -24.87 -1.61
N TYR B 161 4.67 -23.96 -0.75
CA TYR B 161 4.72 -22.55 -1.09
C TYR B 161 6.16 -22.08 -1.26
N LEU B 162 6.36 -21.17 -2.20
CA LEU B 162 7.68 -20.69 -2.57
C LEU B 162 8.10 -19.57 -1.61
N SER B 163 9.27 -19.71 -1.00
CA SER B 163 9.68 -18.78 0.04
C SER B 163 10.74 -17.78 -0.38
N CYS B 164 11.55 -18.09 -1.39
CA CYS B 164 12.58 -17.16 -1.84
C CYS B 164 13.00 -17.52 -3.26
N CYS B 165 13.54 -16.53 -3.97
CA CYS B 165 14.09 -16.72 -5.30
C CYS B 165 15.17 -15.68 -5.54
N ARG B 166 16.23 -16.07 -6.23
CA ARG B 166 17.39 -15.21 -6.40
C ARG B 166 18.06 -15.52 -7.72
N PHE B 167 18.14 -14.52 -8.59
CA PHE B 167 18.73 -14.71 -9.91
C PHE B 167 20.22 -15.01 -9.82
N LEU B 168 20.68 -15.93 -10.67
CA LEU B 168 22.10 -16.21 -10.84
C LEU B 168 22.65 -15.51 -12.07
N ASP B 169 22.00 -15.66 -13.21
CA ASP B 169 22.26 -14.89 -14.41
C ASP B 169 20.95 -14.79 -15.18
N ASP B 170 21.01 -14.45 -16.46
CA ASP B 170 19.81 -14.33 -17.26
C ASP B 170 19.11 -15.66 -17.50
N ASN B 171 19.76 -16.79 -17.20
CA ASN B 171 19.21 -18.09 -17.52
C ASN B 171 19.18 -19.08 -16.36
N GLN B 172 19.51 -18.67 -15.14
CA GLN B 172 19.53 -19.59 -14.01
C GLN B 172 19.02 -18.88 -12.76
N ILE B 173 18.16 -19.55 -12.00
CA ILE B 173 17.69 -19.06 -10.72
C ILE B 173 17.70 -20.19 -9.69
N VAL B 174 17.71 -19.79 -8.43
CA VAL B 174 17.67 -20.70 -7.29
C VAL B 174 16.41 -20.40 -6.50
N THR B 175 15.65 -21.45 -6.18
CA THR B 175 14.34 -21.32 -5.57
C THR B 175 14.22 -22.27 -4.38
N SER B 176 13.76 -21.76 -3.24
CA SER B 176 13.54 -22.55 -2.05
C SER B 176 12.05 -22.62 -1.76
N SER B 177 11.57 -23.80 -1.39
CA SER B 177 10.14 -24.00 -1.18
C SER B 177 9.86 -24.40 0.26
N GLY B 178 8.57 -24.53 0.57
CA GLY B 178 8.10 -24.99 1.86
C GLY B 178 8.00 -26.49 1.99
N ASP B 179 8.61 -27.27 1.12
CA ASP B 179 8.53 -28.70 1.29
C ASP B 179 9.87 -29.25 1.78
N THR B 180 10.76 -28.36 2.05
CA THR B 180 12.11 -28.70 2.49
C THR B 180 13.06 -28.98 1.32
N THR B 181 12.91 -28.28 0.20
CA THR B 181 13.86 -28.49 -0.87
C THR B 181 14.08 -27.30 -1.75
N CYS B 182 15.34 -27.08 -2.05
CA CYS B 182 15.81 -26.00 -2.91
C CYS B 182 16.07 -26.56 -4.31
N ALA B 183 16.17 -25.66 -5.28
CA ALA B 183 16.32 -26.09 -6.66
C ALA B 183 17.05 -25.05 -7.47
N LEU B 184 17.85 -25.52 -8.42
CA LEU B 184 18.51 -24.69 -9.42
C LEU B 184 17.86 -25.00 -10.77
N TRP B 185 17.32 -23.96 -11.41
CA TRP B 185 16.50 -24.10 -12.60
C TRP B 185 17.25 -23.65 -13.84
N ASP B 186 16.59 -23.84 -14.98
CA ASP B 186 17.05 -23.38 -16.29
C ASP B 186 15.89 -22.67 -16.96
N ILE B 187 16.00 -21.35 -17.12
CA ILE B 187 14.84 -20.56 -17.53
C ILE B 187 14.47 -20.82 -18.99
N GLU B 188 15.46 -21.16 -19.83
CA GLU B 188 15.18 -21.33 -21.25
C GLU B 188 14.15 -22.43 -21.49
N THR B 189 14.30 -23.56 -20.80
CA THR B 189 13.30 -24.62 -20.77
C THR B 189 13.08 -25.02 -19.32
N GLY B 190 11.87 -24.80 -18.82
CA GLY B 190 11.64 -24.99 -17.40
C GLY B 190 11.83 -26.42 -16.94
N GLN B 191 12.95 -26.67 -16.26
CA GLN B 191 13.30 -27.98 -15.77
C GLN B 191 14.16 -27.82 -14.53
N GLN B 192 13.94 -28.69 -13.54
CA GLN B 192 14.77 -28.67 -12.33
C GLN B 192 16.14 -29.23 -12.68
N THR B 193 17.08 -28.33 -13.00
CA THR B 193 18.42 -28.77 -13.34
C THR B 193 19.09 -29.46 -12.16
N THR B 194 18.93 -28.91 -10.96
CA THR B 194 19.52 -29.52 -9.77
C THR B 194 18.54 -29.38 -8.62
N THR B 195 18.52 -30.37 -7.73
CA THR B 195 17.65 -30.36 -6.56
C THR B 195 18.50 -30.55 -5.31
N PHE B 196 18.28 -29.69 -4.32
CA PHE B 196 19.01 -29.71 -3.06
C PHE B 196 18.05 -30.15 -1.95
N THR B 197 18.40 -31.25 -1.29
CA THR B 197 17.60 -31.83 -0.22
C THR B 197 18.50 -32.09 0.99
N GLY B 198 17.89 -32.15 2.16
CA GLY B 198 18.63 -32.39 3.38
C GLY B 198 18.08 -31.63 4.57
N HIS B 199 17.13 -30.74 4.34
CA HIS B 199 16.49 -30.00 5.41
C HIS B 199 15.32 -30.81 5.96
N THR B 200 15.10 -30.69 7.27
CA THR B 200 14.00 -31.39 7.93
C THR B 200 12.71 -30.56 7.90
N GLY B 201 12.80 -29.30 8.31
CA GLY B 201 11.68 -28.40 8.23
C GLY B 201 11.70 -27.61 6.93
N ASP B 202 10.61 -26.88 6.70
CA ASP B 202 10.49 -26.10 5.48
C ASP B 202 11.48 -24.95 5.43
N VAL B 203 12.00 -24.67 4.24
CA VAL B 203 13.08 -23.70 4.08
C VAL B 203 12.49 -22.30 4.03
N MET B 204 13.07 -21.39 4.81
CA MET B 204 12.55 -20.03 4.92
C MET B 204 13.30 -19.02 4.06
N SER B 205 14.61 -19.13 3.91
CA SER B 205 15.32 -18.12 3.14
C SER B 205 16.60 -18.70 2.58
N LEU B 206 17.15 -17.99 1.58
CA LEU B 206 18.44 -18.34 1.01
C LEU B 206 19.19 -17.06 0.65
N SER B 207 20.51 -17.15 0.70
CA SER B 207 21.39 -16.05 0.33
C SER B 207 22.44 -16.56 -0.65
N LEU B 208 22.72 -15.73 -1.66
CA LEU B 208 23.61 -16.10 -2.75
C LEU B 208 24.93 -15.34 -2.60
N ALA B 209 26.03 -16.08 -2.66
CA ALA B 209 27.34 -15.47 -2.47
C ALA B 209 27.69 -14.57 -3.66
N PRO B 210 28.51 -13.54 -3.44
CA PRO B 210 28.97 -12.72 -4.57
C PRO B 210 29.74 -13.53 -5.61
N ASP B 211 30.50 -14.55 -5.19
CA ASP B 211 31.21 -15.40 -6.14
C ASP B 211 30.26 -16.25 -6.95
N THR B 212 29.03 -16.44 -6.49
CA THR B 212 28.01 -17.25 -7.17
C THR B 212 28.47 -18.69 -7.38
N ARG B 213 29.31 -19.19 -6.47
CA ARG B 213 29.71 -20.60 -6.46
C ARG B 213 29.07 -21.39 -5.32
N LEU B 214 28.71 -20.72 -4.23
CA LEU B 214 28.08 -21.35 -3.08
C LEU B 214 26.91 -20.49 -2.63
N PHE B 215 25.95 -21.11 -1.95
CA PHE B 215 24.86 -20.33 -1.38
C PHE B 215 24.37 -20.96 -0.09
N VAL B 216 23.83 -20.14 0.79
CA VAL B 216 23.44 -20.58 2.13
C VAL B 216 21.92 -20.59 2.22
N SER B 217 21.39 -21.49 3.04
CA SER B 217 19.96 -21.66 3.19
C SER B 217 19.61 -21.81 4.67
N GLY B 218 18.50 -21.20 5.07
CA GLY B 218 18.01 -21.28 6.44
C GLY B 218 16.57 -21.73 6.46
N ALA B 219 16.29 -22.70 7.33
CA ALA B 219 14.99 -23.35 7.43
C ALA B 219 14.46 -23.24 8.86
N CYS B 220 13.31 -23.87 9.10
CA CYS B 220 12.64 -23.80 10.39
C CYS B 220 13.07 -24.88 11.38
N ASP B 221 14.00 -25.74 11.00
CA ASP B 221 14.57 -26.71 11.93
C ASP B 221 15.73 -26.14 12.72
N ALA B 222 15.85 -24.80 12.80
CA ALA B 222 16.88 -24.12 13.57
C ALA B 222 18.29 -24.48 13.09
N SER B 223 18.43 -24.81 11.82
CA SER B 223 19.72 -25.18 11.25
C SER B 223 19.90 -24.48 9.91
N ALA B 224 21.14 -24.09 9.61
CA ALA B 224 21.49 -23.47 8.34
C ALA B 224 22.48 -24.36 7.61
N LYS B 225 22.41 -24.35 6.28
CA LYS B 225 23.26 -25.22 5.47
C LYS B 225 23.91 -24.44 4.34
N LEU B 226 25.05 -24.95 3.89
CA LEU B 226 25.79 -24.38 2.77
C LEU B 226 25.76 -25.36 1.61
N TRP B 227 25.46 -24.86 0.41
CA TRP B 227 25.29 -25.69 -0.76
C TRP B 227 26.21 -25.22 -1.87
N ASP B 228 26.76 -26.18 -2.61
CA ASP B 228 27.56 -25.92 -3.80
C ASP B 228 26.68 -26.05 -5.03
N VAL B 229 26.61 -24.99 -5.83
CA VAL B 229 25.67 -24.95 -6.94
C VAL B 229 26.02 -25.99 -7.99
N ARG B 230 27.30 -26.17 -8.29
CA ARG B 230 27.72 -27.03 -9.39
C ARG B 230 27.57 -28.51 -9.02
N GLU B 231 28.23 -28.95 -7.94
CA GLU B 231 28.19 -30.37 -7.60
C GLU B 231 26.85 -30.76 -6.97
N GLY B 232 26.18 -29.83 -6.29
CA GLY B 232 24.90 -30.11 -5.70
C GLY B 232 24.92 -30.88 -4.40
N MET B 233 25.99 -30.77 -3.62
CA MET B 233 26.16 -31.53 -2.39
C MET B 233 26.46 -30.58 -1.24
N CYS B 234 25.82 -30.83 -0.09
CA CYS B 234 25.95 -29.93 1.05
C CYS B 234 27.33 -30.02 1.67
N ARG B 235 27.90 -28.85 1.99
CA ARG B 235 29.26 -28.79 2.51
C ARG B 235 29.29 -28.83 4.04
N GLN B 236 28.62 -27.88 4.69
CA GLN B 236 28.63 -27.77 6.14
C GLN B 236 27.21 -27.58 6.65
N THR B 237 27.08 -27.61 7.98
CA THR B 237 25.80 -27.40 8.63
C THR B 237 26.03 -26.70 9.96
N PHE B 238 25.25 -25.66 10.24
CA PHE B 238 25.38 -24.86 11.43
C PHE B 238 24.10 -24.94 12.25
N THR B 239 24.23 -25.26 13.53
CA THR B 239 23.09 -25.37 14.44
C THR B 239 23.39 -24.55 15.69
N GLY B 240 22.86 -23.33 15.75
CA GLY B 240 23.09 -22.49 16.90
C GLY B 240 21.83 -21.97 17.57
N HIS B 241 20.74 -21.87 16.82
CA HIS B 241 19.51 -21.30 17.34
C HIS B 241 18.63 -22.39 17.94
N GLU B 242 17.52 -21.96 18.55
CA GLU B 242 16.53 -22.87 19.11
C GLU B 242 15.12 -22.55 18.63
N SER B 243 14.99 -21.89 17.49
CA SER B 243 13.69 -21.58 16.92
C SER B 243 13.84 -21.40 15.41
N ASP B 244 12.77 -20.94 14.77
CA ASP B 244 12.77 -20.78 13.32
C ASP B 244 13.72 -19.67 12.89
N ILE B 245 14.33 -19.85 11.72
CA ILE B 245 15.21 -18.86 11.12
C ILE B 245 14.43 -18.16 10.01
N ASN B 246 14.35 -16.83 10.07
CA ASN B 246 13.53 -16.07 9.14
C ASN B 246 14.31 -15.31 8.08
N ALA B 247 15.58 -15.04 8.31
CA ALA B 247 16.36 -14.25 7.35
C ALA B 247 17.82 -14.69 7.39
N ILE B 248 18.52 -14.40 6.30
CA ILE B 248 19.93 -14.77 6.17
C ILE B 248 20.54 -13.89 5.08
N CYS B 249 21.83 -13.62 5.21
CA CYS B 249 22.55 -12.84 4.21
C CYS B 249 24.04 -13.09 4.38
N PHE B 250 24.80 -12.78 3.32
CA PHE B 250 26.24 -13.00 3.29
C PHE B 250 26.99 -11.73 3.69
N PHE B 251 28.07 -11.92 4.44
CA PHE B 251 29.02 -10.84 4.69
C PHE B 251 29.67 -10.43 3.37
N PRO B 252 29.98 -9.15 3.18
CA PRO B 252 30.54 -8.72 1.89
C PRO B 252 31.81 -9.44 1.49
N ASN B 253 32.64 -9.84 2.46
CA ASN B 253 33.85 -10.59 2.14
C ASN B 253 33.52 -11.93 1.49
N GLY B 254 32.49 -12.61 1.98
CA GLY B 254 32.17 -13.94 1.53
C GLY B 254 32.62 -15.05 2.44
N ASN B 255 33.14 -14.73 3.62
CA ASN B 255 33.63 -15.72 4.57
C ASN B 255 32.80 -15.76 5.85
N ALA B 256 31.61 -15.18 5.84
CA ALA B 256 30.75 -15.16 7.01
C ALA B 256 29.32 -14.91 6.58
N PHE B 257 28.40 -15.09 7.51
CA PHE B 257 26.99 -14.79 7.27
C PHE B 257 26.31 -14.57 8.61
N ALA B 258 25.07 -14.06 8.54
CA ALA B 258 24.29 -13.72 9.73
C ALA B 258 22.88 -14.27 9.59
N THR B 259 22.31 -14.68 10.71
CA THR B 259 20.99 -15.28 10.76
C THR B 259 20.13 -14.57 11.80
N GLY B 260 18.86 -14.41 11.48
CA GLY B 260 17.88 -13.85 12.42
C GLY B 260 16.78 -14.86 12.67
N SER B 261 16.32 -14.94 13.91
CA SER B 261 15.38 -15.96 14.32
C SER B 261 14.22 -15.34 15.10
N ASP B 262 13.26 -16.18 15.48
CA ASP B 262 12.08 -15.72 16.21
C ASP B 262 12.33 -15.54 17.70
N ASP B 263 13.46 -16.04 18.23
CA ASP B 263 13.77 -15.86 19.64
C ASP B 263 14.47 -14.53 19.91
N ALA B 264 14.31 -13.55 19.02
CA ALA B 264 14.78 -12.18 19.24
C ALA B 264 16.28 -12.10 19.44
N THR B 265 17.02 -12.88 18.64
CA THR B 265 18.48 -12.83 18.69
C THR B 265 19.04 -13.04 17.29
N CYS B 266 20.09 -12.30 16.96
CA CYS B 266 20.81 -12.50 15.71
C CYS B 266 22.12 -13.23 15.99
N ARG B 267 22.62 -13.92 14.97
CA ARG B 267 23.82 -14.73 15.16
C ARG B 267 24.72 -14.63 13.95
N LEU B 268 25.98 -14.27 14.18
CA LEU B 268 26.98 -14.15 13.13
C LEU B 268 27.89 -15.37 13.19
N PHE B 269 27.96 -16.10 12.08
CA PHE B 269 28.67 -17.37 11.94
C PHE B 269 29.86 -17.18 10.98
N ASP B 270 30.53 -18.29 10.66
CA ASP B 270 31.54 -18.31 9.62
C ASP B 270 31.68 -19.74 9.11
N LEU B 271 32.14 -19.86 7.87
CA LEU B 271 32.32 -21.17 7.24
C LEU B 271 33.79 -21.58 7.15
N ARG B 272 34.71 -20.77 7.67
CA ARG B 272 36.11 -21.17 7.74
C ARG B 272 36.39 -21.95 9.02
N ALA B 273 36.06 -21.36 10.17
CA ALA B 273 36.17 -22.06 11.44
C ALA B 273 34.97 -22.93 11.74
N ASP B 274 33.87 -22.76 10.99
CA ASP B 274 32.66 -23.56 11.15
C ASP B 274 32.14 -23.50 12.59
N GLN B 275 32.06 -22.32 13.16
CA GLN B 275 31.47 -22.23 14.48
C GLN B 275 30.91 -20.85 14.71
N GLU B 276 30.31 -20.66 15.86
CA GLU B 276 29.65 -19.41 16.20
C GLU B 276 30.69 -18.32 16.43
N LEU B 277 30.36 -17.10 16.02
CA LEU B 277 31.22 -15.95 16.27
C LEU B 277 30.57 -14.92 17.18
N MET B 278 29.37 -14.44 16.85
CA MET B 278 28.75 -13.39 17.64
C MET B 278 27.27 -13.65 17.83
N THR B 279 26.74 -13.15 18.96
CA THR B 279 25.32 -13.16 19.26
C THR B 279 24.89 -11.74 19.59
N TYR B 280 23.79 -11.31 18.96
CA TYR B 280 23.25 -9.97 19.14
C TYR B 280 21.88 -10.10 19.81
N SER B 281 21.79 -9.70 21.07
CA SER B 281 20.54 -9.81 21.82
C SER B 281 20.49 -8.71 22.88
N HIS B 282 19.28 -8.47 23.38
CA HIS B 282 19.05 -7.48 24.41
C HIS B 282 17.88 -7.95 25.28
N ASP B 283 17.81 -7.40 26.49
CA ASP B 283 16.75 -7.80 27.42
C ASP B 283 15.42 -7.12 27.13
N ASN B 284 15.43 -6.04 26.33
CA ASN B 284 14.21 -5.29 26.04
C ASN B 284 13.57 -5.68 24.73
N ILE B 285 14.10 -6.68 24.03
CA ILE B 285 13.54 -7.14 22.75
C ILE B 285 12.99 -8.54 22.96
N ILE B 286 11.73 -8.73 22.58
CA ILE B 286 11.07 -10.03 22.72
C ILE B 286 10.60 -10.59 21.39
N CYS B 287 10.27 -9.76 20.41
CA CYS B 287 9.77 -10.19 19.12
C CYS B 287 10.92 -10.61 18.21
N GLY B 288 10.58 -11.41 17.20
CA GLY B 288 11.57 -11.97 16.31
C GLY B 288 12.08 -10.99 15.27
N ILE B 289 12.94 -11.50 14.39
CA ILE B 289 13.56 -10.72 13.33
C ILE B 289 12.99 -11.17 12.00
N THR B 290 12.59 -10.22 11.17
CA THR B 290 12.01 -10.52 9.87
C THR B 290 12.95 -10.27 8.70
N SER B 291 14.04 -9.52 8.90
CA SER B 291 14.95 -9.23 7.80
C SER B 291 16.31 -8.85 8.37
N VAL B 292 17.36 -9.22 7.65
CA VAL B 292 18.74 -8.92 8.02
C VAL B 292 19.49 -8.48 6.78
N SER B 293 20.33 -7.45 6.92
CA SER B 293 21.15 -6.99 5.81
C SER B 293 22.40 -6.31 6.36
N PHE B 294 23.48 -6.42 5.60
CA PHE B 294 24.75 -5.78 5.92
C PHE B 294 24.86 -4.45 5.20
N SER B 295 25.98 -3.78 5.40
CA SER B 295 26.37 -2.60 4.64
C SER B 295 27.74 -2.85 4.03
N LYS B 296 28.18 -1.92 3.18
CA LYS B 296 29.51 -2.04 2.60
C LYS B 296 30.56 -1.99 3.70
N SER B 297 31.62 -2.78 3.49
CA SER B 297 32.71 -3.01 4.44
C SER B 297 32.27 -3.84 5.65
N GLY B 298 30.99 -4.19 5.76
CA GLY B 298 30.51 -5.07 6.81
C GLY B 298 30.70 -4.54 8.22
N ARG B 299 30.33 -3.28 8.46
CA ARG B 299 30.44 -2.69 9.79
C ARG B 299 29.10 -2.49 10.47
N LEU B 300 27.99 -2.56 9.74
CA LEU B 300 26.67 -2.35 10.32
C LEU B 300 25.74 -3.49 9.96
N LEU B 301 25.06 -4.04 10.96
CA LEU B 301 23.95 -4.96 10.76
C LEU B 301 22.65 -4.17 10.86
N LEU B 302 21.74 -4.42 9.95
CA LEU B 302 20.42 -3.79 10.00
C LEU B 302 19.38 -4.88 10.17
N ALA B 303 18.57 -4.78 11.23
CA ALA B 303 17.59 -5.80 11.54
C ALA B 303 16.21 -5.19 11.69
N GLY B 304 15.22 -5.80 11.04
CA GLY B 304 13.83 -5.41 11.19
C GLY B 304 13.14 -6.33 12.17
N TYR B 305 12.43 -5.74 13.12
CA TYR B 305 11.77 -6.48 14.17
C TYR B 305 10.26 -6.38 14.02
N ASP B 306 9.54 -7.19 14.79
CA ASP B 306 8.08 -7.16 14.77
C ASP B 306 7.50 -6.05 15.64
N ASP B 307 8.31 -5.39 16.45
CA ASP B 307 7.79 -4.31 17.30
C ASP B 307 7.89 -2.95 16.61
N PHE B 308 7.39 -2.88 15.38
CA PHE B 308 7.17 -1.63 14.66
C PHE B 308 8.47 -0.88 14.35
N ASN B 309 9.62 -1.48 14.64
CA ASN B 309 10.87 -0.73 14.74
C ASN B 309 11.98 -1.48 14.03
N CYS B 310 13.03 -0.73 13.64
CA CYS B 310 14.24 -1.31 13.08
C CYS B 310 15.44 -0.90 13.91
N ASN B 311 16.46 -1.75 13.94
CA ASN B 311 17.64 -1.51 14.75
C ASN B 311 18.92 -1.68 13.92
N VAL B 312 19.97 -0.99 14.35
CA VAL B 312 21.28 -1.05 13.73
C VAL B 312 22.28 -1.50 14.78
N TRP B 313 23.05 -2.54 14.46
CA TRP B 313 24.02 -3.14 15.37
C TRP B 313 25.42 -2.99 14.79
N ASP B 314 26.39 -2.91 15.68
CA ASP B 314 27.79 -2.97 15.28
C ASP B 314 28.15 -4.40 14.91
N ALA B 315 28.95 -4.56 13.87
CA ALA B 315 29.34 -5.91 13.45
C ALA B 315 30.46 -6.50 14.29
N LEU B 316 31.15 -5.69 15.09
CA LEU B 316 32.23 -6.16 15.95
C LEU B 316 31.90 -6.06 17.43
N LYS B 317 31.08 -5.10 17.83
CA LYS B 317 30.54 -5.01 19.18
C LYS B 317 29.07 -5.39 19.15
N ALA B 318 28.63 -6.02 20.24
CA ALA B 318 27.22 -6.37 20.36
C ALA B 318 26.34 -5.17 20.65
N ASP B 319 26.92 -4.02 20.96
CA ASP B 319 26.14 -2.85 21.35
C ASP B 319 25.39 -2.29 20.15
N ARG B 320 24.19 -1.76 20.42
CA ARG B 320 23.41 -1.09 19.39
C ARG B 320 24.05 0.24 19.03
N ALA B 321 23.69 0.74 17.85
CA ALA B 321 24.21 2.01 17.36
C ALA B 321 23.14 2.98 16.93
N GLY B 322 21.98 2.50 16.46
CA GLY B 322 20.94 3.39 16.01
C GLY B 322 19.60 2.69 15.92
N VAL B 323 18.55 3.51 15.91
CA VAL B 323 17.18 3.05 15.86
C VAL B 323 16.47 3.74 14.70
N LEU B 324 15.76 2.97 13.89
CA LEU B 324 14.98 3.50 12.76
C LEU B 324 13.52 3.29 13.10
N ALA B 325 12.84 4.38 13.43
CA ALA B 325 11.42 4.38 13.76
C ALA B 325 10.66 5.28 12.78
N GLY B 326 9.38 4.97 12.61
CA GLY B 326 8.57 5.73 11.67
C GLY B 326 7.57 4.87 10.93
N HIS B 327 7.56 3.57 11.21
CA HIS B 327 6.61 2.64 10.63
C HIS B 327 5.51 2.34 11.62
N ASP B 328 4.28 2.22 11.12
CA ASP B 328 3.10 2.00 11.94
C ASP B 328 2.67 0.54 11.98
N ASN B 329 3.57 -0.39 11.68
CA ASN B 329 3.28 -1.81 11.73
C ASN B 329 4.60 -2.58 11.66
N ARG B 330 4.51 -3.89 11.52
CA ARG B 330 5.69 -4.74 11.48
C ARG B 330 6.51 -4.49 10.23
N VAL B 331 7.83 -4.44 10.39
CA VAL B 331 8.75 -4.26 9.27
C VAL B 331 9.04 -5.63 8.67
N SER B 332 8.77 -5.79 7.37
CA SER B 332 8.88 -7.08 6.71
C SER B 332 10.09 -7.20 5.81
N CYS B 333 10.44 -6.16 5.05
CA CYS B 333 11.53 -6.23 4.09
C CYS B 333 12.48 -5.05 4.29
N LEU B 334 13.76 -5.32 4.05
CA LEU B 334 14.81 -4.33 4.27
C LEU B 334 15.94 -4.59 3.29
N GLY B 335 16.47 -3.52 2.70
CA GLY B 335 17.50 -3.65 1.69
C GLY B 335 18.45 -2.48 1.68
N VAL B 336 19.66 -2.74 1.17
CA VAL B 336 20.73 -1.75 1.10
C VAL B 336 21.24 -1.72 -0.33
N THR B 337 21.49 -0.51 -0.84
CA THR B 337 21.91 -0.35 -2.23
C THR B 337 23.28 -1.00 -2.46
N ASP B 338 23.62 -1.13 -3.74
CA ASP B 338 24.89 -1.75 -4.12
C ASP B 338 26.09 -0.88 -3.75
N ASP B 339 25.97 0.43 -3.87
CA ASP B 339 27.03 1.35 -3.50
C ASP B 339 26.92 1.84 -2.06
N GLY B 340 25.94 1.36 -1.31
CA GLY B 340 25.84 1.71 0.10
C GLY B 340 25.53 3.17 0.36
N MET B 341 24.58 3.75 -0.37
CA MET B 341 24.22 5.14 -0.20
C MET B 341 22.87 5.36 0.46
N ALA B 342 22.02 4.34 0.52
CA ALA B 342 20.70 4.48 1.12
C ALA B 342 20.23 3.13 1.64
N VAL B 343 19.20 3.17 2.49
CA VAL B 343 18.59 1.96 3.03
C VAL B 343 17.09 2.05 2.86
N ALA B 344 16.50 1.05 2.21
CA ALA B 344 15.07 1.05 1.98
C ALA B 344 14.39 0.02 2.87
N THR B 345 13.27 0.41 3.47
CA THR B 345 12.52 -0.47 4.35
C THR B 345 11.04 -0.46 3.94
N GLY B 346 10.41 -1.62 4.13
CA GLY B 346 8.98 -1.73 3.94
C GLY B 346 8.34 -2.32 5.17
N SER B 347 7.02 -2.16 5.27
CA SER B 347 6.32 -2.60 6.46
C SER B 347 4.89 -2.98 6.08
N TRP B 348 4.17 -3.53 7.06
CA TRP B 348 2.82 -4.02 6.82
C TRP B 348 1.82 -2.89 6.59
N ASP B 349 2.20 -1.65 6.86
CA ASP B 349 1.47 -0.50 6.34
C ASP B 349 2.06 -0.14 4.98
N SER B 350 1.20 0.25 4.05
CA SER B 350 1.60 0.31 2.66
C SER B 350 2.51 1.50 2.35
N PHE B 351 3.66 1.57 3.01
CA PHE B 351 4.59 2.66 2.78
C PHE B 351 6.02 2.13 2.75
N LEU B 352 6.76 2.50 1.71
CA LEU B 352 8.19 2.24 1.62
C LEU B 352 8.95 3.50 2.01
N LYS B 353 9.96 3.36 2.85
CA LYS B 353 10.72 4.49 3.35
C LYS B 353 12.19 4.35 3.00
N ILE B 354 12.79 5.42 2.52
CA ILE B 354 14.22 5.45 2.16
C ILE B 354 14.93 6.31 3.18
N TRP B 355 15.98 5.77 3.78
CA TRP B 355 16.71 6.41 4.86
C TRP B 355 18.14 6.67 4.42
N ASN B 356 18.66 7.84 4.78
CA ASN B 356 20.04 8.19 4.49
C ASN B 356 20.63 9.03 5.60
N ALA C 7 10.10 -48.36 5.56
CA ALA C 7 11.24 -48.55 6.45
C ALA C 7 12.01 -47.25 6.63
N SER C 8 12.47 -47.00 7.85
CA SER C 8 13.24 -45.81 8.19
C SER C 8 14.75 -46.04 8.11
N ILE C 9 15.17 -47.22 7.65
CA ILE C 9 16.60 -47.51 7.55
C ILE C 9 17.27 -46.61 6.52
N ALA C 10 16.57 -46.31 5.43
CA ALA C 10 17.14 -45.45 4.39
C ALA C 10 17.40 -44.05 4.91
N GLN C 11 16.44 -43.49 5.66
CA GLN C 11 16.61 -42.14 6.19
C GLN C 11 17.77 -42.08 7.19
N ALA C 12 17.85 -43.07 8.07
CA ALA C 12 18.95 -43.09 9.04
C ALA C 12 20.30 -43.25 8.34
N ARG C 13 20.36 -44.10 7.31
CA ARG C 13 21.60 -44.26 6.56
C ARG C 13 21.98 -42.96 5.85
N LYS C 14 21.01 -42.27 5.27
CA LYS C 14 21.29 -40.99 4.63
C LYS C 14 21.80 -39.96 5.63
N LEU C 15 21.19 -39.91 6.81
CA LEU C 15 21.64 -38.98 7.84
C LEU C 15 23.07 -39.30 8.29
N VAL C 16 23.37 -40.59 8.46
CA VAL C 16 24.72 -40.99 8.86
C VAL C 16 25.73 -40.61 7.79
N GLU C 17 25.38 -40.85 6.52
CA GLU C 17 26.27 -40.48 5.42
C GLU C 17 26.52 -38.98 5.40
N GLN C 18 25.46 -38.18 5.54
CA GLN C 18 25.62 -36.74 5.52
C GLN C 18 26.50 -36.28 6.67
N LEU C 19 26.29 -36.84 7.87
CA LEU C 19 27.13 -36.48 8.99
C LEU C 19 28.60 -36.85 8.75
N LYS C 20 28.85 -38.03 8.19
CA LYS C 20 30.22 -38.49 8.07
C LYS C 20 30.97 -37.76 6.97
N MET C 21 30.29 -37.34 5.89
CA MET C 21 30.96 -36.45 4.94
C MET C 21 30.98 -34.99 5.38
N GLU C 22 30.16 -34.61 6.35
CA GLU C 22 30.28 -33.25 6.86
C GLU C 22 31.41 -33.12 7.87
N ALA C 23 31.67 -34.18 8.63
CA ALA C 23 32.69 -34.14 9.68
C ALA C 23 34.12 -34.29 9.16
N ASN C 24 34.30 -34.58 7.87
CA ASN C 24 35.63 -34.82 7.34
C ASN C 24 36.41 -33.55 7.05
N ILE C 25 35.75 -32.39 7.03
CA ILE C 25 36.41 -31.13 6.70
C ILE C 25 37.11 -30.60 7.94
N ASP C 26 38.27 -29.96 7.72
CA ASP C 26 39.06 -29.38 8.79
C ASP C 26 38.74 -27.90 8.95
N ARG C 27 38.95 -27.40 10.17
CA ARG C 27 38.64 -26.03 10.51
C ARG C 27 39.89 -25.36 11.09
N ILE C 28 39.98 -24.06 10.86
CA ILE C 28 41.14 -23.28 11.28
C ILE C 28 40.82 -22.56 12.58
N LYS C 29 41.86 -22.02 13.22
CA LYS C 29 41.68 -21.36 14.50
C LYS C 29 40.89 -20.07 14.34
N VAL C 30 40.05 -19.78 15.34
CA VAL C 30 39.19 -18.60 15.29
C VAL C 30 40.02 -17.32 15.37
N SER C 31 41.09 -17.33 16.16
CA SER C 31 41.89 -16.13 16.36
C SER C 31 42.45 -15.59 15.06
N LYS C 32 42.74 -16.48 14.09
CA LYS C 32 43.17 -16.05 12.77
C LYS C 32 42.03 -15.97 11.76
N ALA C 33 40.94 -16.71 11.99
CA ALA C 33 39.78 -16.64 11.12
C ALA C 33 38.86 -15.48 11.45
N ALA C 34 39.08 -14.80 12.59
CA ALA C 34 38.29 -13.64 12.97
C ALA C 34 38.97 -12.32 12.66
N ALA C 35 40.30 -12.29 12.65
CA ALA C 35 41.02 -11.07 12.31
C ALA C 35 40.82 -10.68 10.86
N ASP C 36 40.45 -11.63 10.00
CA ASP C 36 40.18 -11.30 8.61
C ASP C 36 39.00 -10.35 8.48
N LEU C 37 37.95 -10.56 9.29
CA LEU C 37 36.80 -9.66 9.27
C LEU C 37 37.20 -8.25 9.69
N MET C 38 38.01 -8.14 10.74
CA MET C 38 38.48 -6.83 11.18
C MET C 38 39.34 -6.16 10.13
N ALA C 39 40.22 -6.92 9.46
CA ALA C 39 41.04 -6.36 8.40
C ALA C 39 40.19 -5.86 7.24
N TYR C 40 39.18 -6.64 6.86
CA TYR C 40 38.28 -6.20 5.78
C TYR C 40 37.51 -4.96 6.18
N CYS C 41 37.05 -4.89 7.44
CA CYS C 41 36.31 -3.71 7.89
C CYS C 41 37.18 -2.47 7.88
N GLU C 42 38.42 -2.58 8.37
CA GLU C 42 39.29 -1.42 8.44
C GLU C 42 39.88 -1.04 7.08
N ALA C 43 39.91 -1.97 6.12
CA ALA C 43 40.44 -1.66 4.80
C ALA C 43 39.47 -0.83 3.97
N HIS C 44 38.17 -1.08 4.10
CA HIS C 44 37.15 -0.40 3.30
C HIS C 44 36.33 0.59 4.12
N ALA C 45 36.87 1.07 5.24
CA ALA C 45 36.13 1.98 6.10
C ALA C 45 35.97 3.37 5.50
N LYS C 46 36.74 3.70 4.46
CA LYS C 46 36.71 5.04 3.88
C LYS C 46 35.66 5.19 2.79
N GLU C 47 34.97 4.12 2.41
CA GLU C 47 33.99 4.15 1.34
C GLU C 47 32.61 3.71 1.84
N ASP C 48 32.21 4.21 3.02
CA ASP C 48 30.95 3.84 3.65
C ASP C 48 30.12 5.10 3.84
N PRO C 49 29.26 5.45 2.88
CA PRO C 49 28.40 6.62 3.05
C PRO C 49 27.47 6.54 4.25
N LEU C 50 27.07 5.33 4.65
CA LEU C 50 26.20 5.20 5.81
C LEU C 50 26.97 5.36 7.12
N LEU C 51 28.25 4.98 7.15
CA LEU C 51 29.03 5.08 8.38
C LEU C 51 29.54 6.49 8.59
N THR C 52 30.38 6.98 7.67
CA THR C 52 30.83 8.36 7.73
C THR C 52 29.77 9.30 7.15
N PRO C 53 29.60 10.48 7.74
CA PRO C 53 28.59 11.41 7.20
C PRO C 53 29.06 12.10 5.94
N VAL C 54 28.52 11.69 4.81
CA VAL C 54 28.89 12.29 3.52
C VAL C 54 28.27 13.68 3.44
N PRO C 55 29.01 14.69 2.97
CA PRO C 55 28.44 16.02 2.84
C PRO C 55 27.30 16.04 1.82
N ALA C 56 26.35 16.96 2.06
CA ALA C 56 25.13 17.02 1.29
C ALA C 56 25.34 17.42 -0.17
N SER C 57 26.53 17.87 -0.54
CA SER C 57 26.76 18.32 -1.91
C SER C 57 26.62 17.18 -2.90
N GLU C 58 27.10 15.98 -2.54
CA GLU C 58 27.11 14.84 -3.45
C GLU C 58 26.15 13.73 -3.04
N ASN C 59 25.11 14.07 -2.28
CA ASN C 59 24.10 13.09 -1.90
C ASN C 59 22.94 13.13 -2.87
N PRO C 60 22.69 12.06 -3.64
CA PRO C 60 21.57 12.09 -4.59
C PRO C 60 20.21 12.27 -3.95
N PHE C 61 20.07 11.95 -2.66
CA PHE C 61 18.83 12.15 -1.92
C PHE C 61 18.96 13.41 -1.09
N ARG C 62 18.07 14.38 -1.33
CA ARG C 62 18.14 15.67 -0.67
C ARG C 62 16.82 16.17 -0.10
N GLU C 63 15.69 15.56 -0.46
CA GLU C 63 14.34 16.01 -0.12
C GLU C 63 14.20 17.54 -0.13
N ASP D 24 -31.02 50.66 29.24
CA ASP D 24 -32.45 50.76 29.45
C ASP D 24 -33.21 49.59 28.81
N TYR D 25 -32.62 48.99 27.79
CA TYR D 25 -33.22 47.79 27.19
C TYR D 25 -33.14 46.60 28.13
N MET D 26 -32.22 46.63 29.08
CA MET D 26 -32.05 45.56 30.05
C MET D 26 -32.73 45.95 31.36
N ILE D 27 -33.67 45.13 31.80
CA ILE D 27 -34.42 45.39 33.03
C ILE D 27 -34.27 44.16 33.92
N LEU D 28 -33.16 43.45 33.75
CA LEU D 28 -32.85 42.28 34.57
C LEU D 28 -32.10 42.74 35.81
N SER D 29 -32.77 42.73 36.95
CA SER D 29 -32.18 43.21 38.19
C SER D 29 -32.65 42.33 39.35
N GLY D 30 -31.86 42.33 40.42
CA GLY D 30 -32.17 41.56 41.60
C GLY D 30 -30.94 40.97 42.24
N PRO D 31 -31.12 40.27 43.37
CA PRO D 31 -29.97 39.63 44.02
C PRO D 31 -29.53 38.34 43.37
N GLN D 32 -30.35 37.76 42.49
CA GLN D 32 -30.00 36.50 41.86
C GLN D 32 -28.92 36.67 40.78
N LYS D 33 -28.67 37.89 40.33
CA LYS D 33 -27.72 38.12 39.25
C LYS D 33 -26.35 37.55 39.60
N THR D 34 -25.85 37.89 40.80
CA THR D 34 -24.56 37.36 41.22
C THR D 34 -24.52 35.84 41.09
N ALA D 35 -25.63 35.18 41.44
CA ALA D 35 -25.73 33.73 41.25
C ALA D 35 -25.37 33.34 39.83
N VAL D 36 -26.13 33.84 38.84
CA VAL D 36 -25.83 33.45 37.47
C VAL D 36 -24.45 33.98 37.08
N ALA D 37 -24.01 35.06 37.73
CA ALA D 37 -22.69 35.62 37.44
C ALA D 37 -21.60 34.58 37.62
N VAL D 38 -21.80 33.63 38.53
CA VAL D 38 -20.86 32.53 38.60
C VAL D 38 -21.37 31.30 37.85
N LEU D 39 -22.69 31.12 37.79
CA LEU D 39 -23.24 29.88 37.23
C LEU D 39 -22.66 29.61 35.86
N CYS D 40 -22.78 30.59 34.96
CA CYS D 40 -22.19 30.49 33.63
C CYS D 40 -20.76 29.98 33.71
N THR D 41 -19.88 30.73 34.38
CA THR D 41 -18.49 30.30 34.43
C THR D 41 -18.37 29.00 35.21
N LEU D 42 -19.17 28.82 36.27
CA LEU D 42 -19.10 27.59 37.04
C LEU D 42 -19.37 26.38 36.16
N LEU D 43 -20.04 26.58 35.03
CA LEU D 43 -20.17 25.57 34.00
C LEU D 43 -19.18 25.78 32.87
N GLY D 44 -19.00 27.02 32.42
CA GLY D 44 -18.45 27.30 31.12
C GLY D 44 -17.13 26.64 30.81
N LEU D 45 -16.06 27.08 31.47
CA LEU D 45 -14.75 26.51 31.19
C LEU D 45 -14.76 25.00 31.39
N LEU D 46 -15.58 24.52 32.34
CA LEU D 46 -15.73 23.08 32.54
C LEU D 46 -15.99 22.39 31.20
N SER D 47 -17.09 22.75 30.55
CA SER D 47 -17.37 22.19 29.23
C SER D 47 -16.17 22.42 28.32
N ALA D 48 -15.68 23.66 28.28
CA ALA D 48 -14.51 23.98 27.48
C ALA D 48 -13.42 22.95 27.69
N LEU D 49 -13.00 22.76 28.94
CA LEU D 49 -11.85 21.90 29.18
C LEU D 49 -12.13 20.49 28.70
N GLU D 50 -13.32 19.95 29.00
CA GLU D 50 -13.58 18.58 28.57
C GLU D 50 -13.64 18.51 27.06
N ASN D 51 -14.19 19.53 26.41
CA ASN D 51 -14.16 19.58 24.95
C ASN D 51 -12.72 19.55 24.46
N VAL D 52 -11.85 20.34 25.11
CA VAL D 52 -10.43 20.34 24.74
C VAL D 52 -9.87 18.93 24.86
N ALA D 53 -10.26 18.22 25.92
CA ALA D 53 -9.80 16.85 26.11
C ALA D 53 -10.09 16.02 24.87
N VAL D 54 -11.31 16.12 24.35
CA VAL D 54 -11.66 15.36 23.15
C VAL D 54 -10.74 15.77 22.00
N LEU D 55 -10.58 17.09 21.82
CA LEU D 55 -9.72 17.59 20.74
C LEU D 55 -8.29 17.10 20.88
N TYR D 56 -7.88 16.72 22.08
CA TYR D 56 -6.56 16.09 22.23
C TYR D 56 -6.62 14.63 21.82
N LEU D 57 -7.58 13.87 22.38
CA LEU D 57 -7.58 12.43 22.21
C LEU D 57 -7.77 12.05 20.75
N ILE D 58 -8.60 12.80 20.03
CA ILE D 58 -8.88 12.49 18.63
C ILE D 58 -7.69 12.85 17.74
N LEU D 59 -6.74 13.64 18.24
CA LEU D 59 -5.65 14.14 17.41
C LEU D 59 -4.30 13.53 17.74
N SER D 60 -3.95 13.43 19.02
CA SER D 60 -2.65 12.90 19.40
C SER D 60 -2.55 11.39 19.18
N SER D 61 -3.67 10.71 18.89
CA SER D 61 -3.63 9.27 18.69
C SER D 61 -2.86 8.90 17.43
N HIS D 62 -2.86 9.77 16.43
CA HIS D 62 -2.18 9.68 15.15
C HIS D 62 -2.60 8.47 14.33
N GLN D 63 -3.53 7.66 14.83
CA GLN D 63 -4.12 6.56 14.08
C GLN D 63 -5.63 6.51 14.19
N LEU D 64 -6.21 7.16 15.20
CA LEU D 64 -7.65 7.18 15.36
C LEU D 64 -8.33 8.14 14.39
N ARG D 65 -7.71 9.29 14.10
CA ARG D 65 -8.35 10.22 13.19
C ARG D 65 -8.33 9.74 11.74
N ARG D 66 -7.62 8.64 11.45
CA ARG D 66 -7.63 8.11 10.09
C ARG D 66 -9.03 7.70 9.65
N LYS D 67 -9.90 7.39 10.60
CA LYS D 67 -11.30 7.17 10.27
C LYS D 67 -11.96 8.50 9.91
N PRO D 68 -12.58 8.61 8.73
CA PRO D 68 -13.19 9.89 8.36
C PRO D 68 -14.38 10.28 9.20
N SER D 69 -14.98 9.32 9.92
CA SER D 69 -16.18 9.63 10.70
C SER D 69 -15.87 10.44 11.95
N TYR D 70 -14.62 10.48 12.38
CA TYR D 70 -14.27 11.26 13.56
C TYR D 70 -14.03 12.73 13.26
N LEU D 71 -13.88 13.11 11.99
CA LEU D 71 -13.74 14.52 11.66
C LEU D 71 -14.98 15.31 12.05
N PHE D 72 -16.16 14.72 11.83
CA PHE D 72 -17.40 15.40 12.21
C PHE D 72 -17.47 15.62 13.71
N ILE D 73 -17.10 14.61 14.49
CA ILE D 73 -17.13 14.74 15.95
C ILE D 73 -16.10 15.76 16.41
N GLY D 74 -14.92 15.78 15.78
CA GLY D 74 -13.93 16.79 16.12
C GLY D 74 -14.40 18.20 15.83
N SER D 75 -15.05 18.39 14.67
CA SER D 75 -15.60 19.70 14.34
C SER D 75 -16.68 20.11 15.34
N LEU D 76 -17.53 19.16 15.73
CA LEU D 76 -18.55 19.46 16.73
C LEU D 76 -17.92 19.86 18.06
N ALA D 77 -16.87 19.16 18.49
CA ALA D 77 -16.20 19.51 19.73
C ALA D 77 -15.57 20.89 19.67
N GLY D 78 -14.90 21.20 18.55
CA GLY D 78 -14.30 22.52 18.41
C GLY D 78 -15.32 23.63 18.38
N ALA D 79 -16.42 23.41 17.65
CA ALA D 79 -17.50 24.40 17.61
C ALA D 79 -18.10 24.60 18.99
N ASP D 80 -18.27 23.53 19.74
CA ASP D 80 -18.82 23.65 21.09
C ASP D 80 -17.88 24.42 22.01
N PHE D 81 -16.57 24.16 21.90
CA PHE D 81 -15.60 24.91 22.70
C PHE D 81 -15.65 26.39 22.37
N LEU D 82 -15.66 26.73 21.07
CA LEU D 82 -15.74 28.13 20.67
C LEU D 82 -17.04 28.75 21.17
N ALA D 83 -18.15 28.02 21.06
CA ALA D 83 -19.43 28.54 21.51
C ALA D 83 -19.40 28.86 22.99
N SER D 84 -18.90 27.93 23.81
CA SER D 84 -18.84 28.16 25.24
C SER D 84 -17.97 29.37 25.57
N VAL D 85 -16.76 29.42 24.99
CA VAL D 85 -15.82 30.48 25.35
C VAL D 85 -16.36 31.85 24.93
N VAL D 86 -16.86 31.96 23.70
CA VAL D 86 -17.38 33.24 23.24
C VAL D 86 -18.67 33.63 23.94
N PHE D 87 -19.58 32.69 24.18
CA PHE D 87 -20.86 33.00 24.83
C PHE D 87 -20.70 33.41 26.28
N ALA D 88 -19.81 32.78 27.04
CA ALA D 88 -19.71 33.08 28.46
C ALA D 88 -19.39 34.56 28.70
N CYS D 89 -18.33 35.05 28.06
CA CYS D 89 -17.91 36.43 28.24
C CYS D 89 -18.96 37.40 27.70
N SER D 90 -19.52 37.09 26.53
CA SER D 90 -20.48 37.97 25.90
C SER D 90 -21.74 38.11 26.75
N PHE D 91 -22.19 37.01 27.36
CA PHE D 91 -23.41 37.04 28.16
C PHE D 91 -23.16 37.48 29.59
N VAL D 92 -21.93 37.48 30.06
CA VAL D 92 -21.63 37.96 31.41
C VAL D 92 -21.31 39.45 31.42
N ASN D 93 -20.70 39.98 30.34
CA ASN D 93 -20.39 41.40 30.31
C ASN D 93 -21.67 42.24 30.20
N PHE D 94 -22.65 41.76 29.42
CA PHE D 94 -23.86 42.52 29.21
C PHE D 94 -24.70 42.62 30.48
N HIS D 95 -24.75 41.54 31.26
CA HIS D 95 -25.67 41.46 32.38
C HIS D 95 -25.00 41.63 33.74
N VAL D 96 -23.69 41.44 33.84
CA VAL D 96 -22.99 41.53 35.12
C VAL D 96 -22.00 42.69 35.16
N PHE D 97 -21.42 43.07 34.03
CA PHE D 97 -20.47 44.18 34.01
C PHE D 97 -20.98 45.43 33.32
N HIS D 98 -22.02 45.34 32.50
CA HIS D 98 -22.61 46.50 31.82
C HIS D 98 -21.57 47.26 31.02
N GLY D 99 -21.00 46.59 30.02
CA GLY D 99 -20.03 47.21 29.15
C GLY D 99 -20.64 48.26 28.25
N VAL D 100 -19.79 49.09 27.62
CA VAL D 100 -20.26 50.14 26.73
C VAL D 100 -20.98 49.51 25.54
N ASP D 101 -20.44 48.41 25.03
CA ASP D 101 -21.08 47.60 23.99
C ASP D 101 -21.41 48.44 22.75
N SER D 102 -20.35 48.89 22.08
CA SER D 102 -20.52 49.61 20.84
C SER D 102 -21.09 48.69 19.77
N LYS D 103 -21.58 49.30 18.68
CA LYS D 103 -22.29 48.54 17.65
C LYS D 103 -21.39 47.49 17.01
N ALA D 104 -20.15 47.86 16.70
CA ALA D 104 -19.25 46.95 15.98
C ALA D 104 -18.96 45.70 16.81
N VAL D 105 -18.52 45.88 18.05
CA VAL D 105 -18.14 44.73 18.87
C VAL D 105 -19.37 43.88 19.20
N PHE D 106 -20.50 44.53 19.48
CA PHE D 106 -21.72 43.78 19.76
C PHE D 106 -22.14 42.93 18.57
N LEU D 107 -22.13 43.52 17.38
CA LEU D 107 -22.49 42.76 16.18
C LEU D 107 -21.50 41.62 15.95
N LEU D 108 -20.22 41.87 16.24
CA LEU D 108 -19.22 40.82 16.07
C LEU D 108 -19.50 39.63 17.00
N LYS D 109 -19.77 39.90 18.28
CA LYS D 109 -19.99 38.77 19.19
C LYS D 109 -21.29 38.04 18.89
N ILE D 110 -22.34 38.79 18.52
CA ILE D 110 -23.61 38.14 18.18
C ILE D 110 -23.42 37.25 16.96
N GLY D 111 -22.74 37.76 15.94
CA GLY D 111 -22.46 36.93 14.77
C GLY D 111 -21.64 35.71 15.11
N SER D 112 -20.64 35.86 15.98
CA SER D 112 -19.80 34.73 16.35
C SER D 112 -20.59 33.65 17.07
N VAL D 113 -21.40 34.04 18.07
CA VAL D 113 -22.17 33.04 18.82
C VAL D 113 -23.18 32.36 17.92
N THR D 114 -23.85 33.13 17.04
CA THR D 114 -24.80 32.51 16.13
C THR D 114 -24.10 31.54 15.18
N MET D 115 -22.92 31.93 14.68
CA MET D 115 -22.18 31.08 13.75
C MET D 115 -21.79 29.76 14.41
N THR D 116 -21.26 29.82 15.62
CA THR D 116 -20.83 28.58 16.27
C THR D 116 -22.02 27.71 16.68
N PHE D 117 -23.10 28.34 17.16
CA PHE D 117 -24.28 27.56 17.53
C PHE D 117 -24.96 26.93 16.33
N THR D 118 -24.85 27.53 15.15
CA THR D 118 -25.33 26.89 13.93
C THR D 118 -24.37 25.82 13.43
N ALA D 119 -23.06 26.02 13.60
CA ALA D 119 -22.09 25.02 13.19
C ALA D 119 -22.25 23.74 14.01
N SER D 120 -22.60 23.86 15.28
CA SER D 120 -22.85 22.67 16.10
C SER D 120 -23.99 21.84 15.52
N VAL D 121 -25.10 22.48 15.18
CA VAL D 121 -26.24 21.76 14.62
C VAL D 121 -25.88 21.19 13.25
N GLY D 122 -25.09 21.91 12.46
CA GLY D 122 -24.63 21.37 11.21
C GLY D 122 -23.80 20.11 11.38
N SER D 123 -22.92 20.11 12.38
CA SER D 123 -22.12 18.92 12.67
C SER D 123 -23.01 17.76 13.10
N LEU D 124 -24.02 18.03 13.91
CA LEU D 124 -24.95 16.97 14.31
C LEU D 124 -25.66 16.38 13.11
N LEU D 125 -26.15 17.22 12.20
CA LEU D 125 -26.81 16.72 11.01
C LEU D 125 -25.85 15.91 10.15
N LEU D 126 -24.60 16.36 10.05
CA LEU D 126 -23.63 15.67 9.21
C LEU D 126 -23.29 14.29 9.77
N THR D 127 -23.12 14.19 11.09
CA THR D 127 -22.86 12.87 11.67
C THR D 127 -24.09 11.98 11.59
N ALA D 128 -25.30 12.56 11.63
CA ALA D 128 -26.50 11.76 11.38
C ALA D 128 -26.50 11.19 9.98
N ILE D 129 -26.14 12.00 8.98
CA ILE D 129 -26.06 11.51 7.61
C ILE D 129 -25.02 10.40 7.49
N ASP D 130 -23.89 10.56 8.18
CA ASP D 130 -22.87 9.52 8.20
C ASP D 130 -23.41 8.21 8.76
N ARG D 131 -24.11 8.28 9.89
CA ARG D 131 -24.66 7.06 10.49
C ARG D 131 -25.76 6.46 9.63
N TYR D 132 -26.44 7.27 8.82
CA TYR D 132 -27.41 6.72 7.87
C TYR D 132 -26.70 5.97 6.74
N LEU D 133 -25.61 6.54 6.25
CA LEU D 133 -24.84 5.86 5.20
C LEU D 133 -24.23 4.56 5.71
N CYS D 134 -23.91 4.50 7.01
CA CYS D 134 -23.34 3.29 7.57
C CYS D 134 -24.27 2.09 7.40
N LEU D 135 -25.57 2.31 7.34
CA LEU D 135 -26.53 1.23 7.23
C LEU D 135 -27.21 1.12 5.87
N ARG D 136 -27.30 2.21 5.10
CA ARG D 136 -27.98 2.13 3.82
C ARG D 136 -27.20 1.28 2.82
N TYR D 137 -25.88 1.45 2.76
CA TYR D 137 -25.02 0.70 1.86
C TYR D 137 -23.89 0.09 2.68
N PRO D 138 -24.12 -1.07 3.29
CA PRO D 138 -23.12 -1.68 4.17
C PRO D 138 -21.81 -1.97 3.46
N PRO D 139 -21.81 -2.70 2.33
CA PRO D 139 -20.51 -3.13 1.78
C PRO D 139 -19.69 -2.02 1.19
N SER D 140 -20.31 -1.08 0.48
CA SER D 140 -19.61 -0.02 -0.23
C SER D 140 -19.40 1.22 0.61
N TYR D 141 -19.77 1.20 1.88
CA TYR D 141 -19.60 2.37 2.74
C TYR D 141 -18.15 2.81 2.83
N LYS D 142 -17.21 1.86 2.75
CA LYS D 142 -15.80 2.20 2.82
C LYS D 142 -15.32 2.98 1.60
N ALA D 143 -16.11 2.99 0.52
CA ALA D 143 -15.71 3.70 -0.69
C ALA D 143 -16.47 5.00 -0.90
N LEU D 144 -17.66 5.14 -0.32
CA LEU D 144 -18.45 6.34 -0.54
C LEU D 144 -17.93 7.54 0.23
N LEU D 145 -17.50 7.35 1.48
CA LEU D 145 -17.13 8.46 2.35
C LEU D 145 -15.66 8.32 2.72
N THR D 146 -14.83 9.22 2.20
CA THR D 146 -13.40 9.23 2.44
C THR D 146 -12.97 10.56 3.06
N ARG D 147 -11.66 10.76 3.19
CA ARG D 147 -11.13 11.99 3.76
C ARG D 147 -11.54 13.22 2.96
N GLY D 148 -11.37 13.16 1.64
CA GLY D 148 -11.59 14.35 0.83
C GLY D 148 -13.04 14.83 0.87
N ARG D 149 -13.98 13.90 0.70
CA ARG D 149 -15.39 14.28 0.69
C ARG D 149 -15.82 14.82 2.06
N ALA D 150 -15.37 14.17 3.14
CA ALA D 150 -15.70 14.66 4.47
C ALA D 150 -15.13 16.06 4.70
N LEU D 151 -13.88 16.29 4.30
CA LEU D 151 -13.25 17.58 4.52
C LEU D 151 -13.94 18.69 3.71
N VAL D 152 -14.28 18.41 2.45
CA VAL D 152 -14.93 19.44 1.65
C VAL D 152 -16.33 19.71 2.16
N THR D 153 -17.05 18.67 2.63
CA THR D 153 -18.37 18.90 3.19
C THR D 153 -18.29 19.72 4.47
N LEU D 154 -17.31 19.43 5.33
CA LEU D 154 -17.12 20.23 6.53
C LEU D 154 -16.82 21.68 6.19
N GLY D 155 -15.94 21.91 5.21
CA GLY D 155 -15.61 23.26 4.82
C GLY D 155 -16.79 24.03 4.27
N ILE D 156 -17.57 23.38 3.39
CA ILE D 156 -18.72 24.06 2.79
C ILE D 156 -19.78 24.35 3.85
N MET D 157 -19.97 23.43 4.80
CA MET D 157 -20.92 23.67 5.88
C MET D 157 -20.48 24.86 6.74
N TRP D 158 -19.19 24.91 7.08
CA TRP D 158 -18.69 26.03 7.87
C TRP D 158 -18.85 27.35 7.13
N VAL D 159 -18.55 27.36 5.83
CA VAL D 159 -18.67 28.58 5.04
C VAL D 159 -20.13 29.03 4.99
N LEU D 160 -21.06 28.09 4.75
CA LEU D 160 -22.46 28.46 4.68
C LEU D 160 -22.95 29.00 6.02
N SER D 161 -22.55 28.36 7.12
CA SER D 161 -22.96 28.84 8.44
C SER D 161 -22.41 30.24 8.71
N ALA D 162 -21.15 30.48 8.35
CA ALA D 162 -20.57 31.81 8.54
C ALA D 162 -21.29 32.86 7.71
N LEU D 163 -21.62 32.53 6.45
CA LEU D 163 -22.32 33.48 5.60
C LEU D 163 -23.70 33.80 6.16
N VAL D 164 -24.42 32.80 6.63
CA VAL D 164 -25.77 33.04 7.16
C VAL D 164 -25.71 33.82 8.46
N SER D 165 -24.74 33.52 9.32
CA SER D 165 -24.68 34.14 10.63
C SER D 165 -24.37 35.64 10.53
N TYR D 166 -23.36 36.00 9.75
CA TYR D 166 -22.90 37.39 9.68
C TYR D 166 -23.68 38.18 8.63
N LEU D 167 -25.01 38.11 8.69
CA LEU D 167 -25.86 38.86 7.77
C LEU D 167 -26.02 40.30 8.22
N PRO D 168 -26.33 40.59 9.49
CA PRO D 168 -26.46 41.98 9.91
C PRO D 168 -25.17 42.79 9.78
N LEU D 169 -24.02 42.13 9.68
CA LEU D 169 -22.78 42.86 9.44
C LEU D 169 -22.80 43.52 8.07
N MET D 170 -23.50 42.94 7.10
CA MET D 170 -23.65 43.57 5.80
C MET D 170 -24.32 44.92 5.92
N GLY D 171 -25.41 44.98 6.70
CA GLY D 171 -26.03 46.25 7.01
C GLY D 171 -27.53 46.19 7.16
N TRP D 172 -28.04 46.80 8.23
CA TRP D 172 -29.49 46.96 8.45
C TRP D 172 -29.67 47.92 9.62
N THR D 173 -30.87 48.47 9.73
CA THR D 173 -31.16 49.49 10.73
C THR D 173 -32.44 49.23 11.51
N CYS D 174 -33.38 48.44 10.99
CA CYS D 174 -34.70 48.19 11.59
C CYS D 174 -35.37 49.49 12.04
N CYS D 175 -35.10 50.58 11.33
CA CYS D 175 -35.75 51.86 11.61
C CYS D 175 -37.17 51.90 11.05
N PRO D 176 -37.39 51.63 9.76
CA PRO D 176 -38.78 51.64 9.26
C PRO D 176 -39.58 50.44 9.73
N ARG D 177 -38.99 49.24 9.69
CA ARG D 177 -39.64 48.05 10.19
C ARG D 177 -39.26 47.86 11.65
N PRO D 178 -40.22 47.83 12.59
CA PRO D 178 -39.86 47.71 14.00
C PRO D 178 -39.20 46.37 14.30
N CYS D 179 -38.00 46.41 14.85
CA CYS D 179 -37.24 45.22 15.18
C CYS D 179 -37.50 44.80 16.63
N SER D 180 -36.95 43.64 16.99
CA SER D 180 -37.29 42.97 18.23
C SER D 180 -36.86 43.80 19.44
N GLU D 181 -37.48 43.48 20.58
CA GLU D 181 -37.16 44.13 21.85
C GLU D 181 -36.32 43.28 22.77
N LEU D 182 -36.37 41.95 22.63
CA LEU D 182 -35.51 41.08 23.41
C LEU D 182 -34.04 41.33 23.07
N PHE D 183 -33.74 41.54 21.79
CA PHE D 183 -32.38 41.83 21.37
C PHE D 183 -32.19 43.32 21.14
N PRO D 184 -31.04 43.85 21.54
CA PRO D 184 -30.78 45.29 21.35
C PRO D 184 -30.46 45.64 19.90
N LEU D 185 -31.51 45.95 19.13
CA LEU D 185 -31.43 46.32 17.72
C LEU D 185 -30.94 45.16 16.85
N ILE D 186 -31.70 44.08 16.83
CA ILE D 186 -31.52 42.99 15.86
C ILE D 186 -32.77 42.94 14.99
N PRO D 187 -32.63 42.91 13.66
CA PRO D 187 -33.81 42.97 12.78
C PRO D 187 -34.76 41.82 13.03
N ASN D 188 -36.07 42.09 12.86
CA ASN D 188 -37.10 41.10 13.14
C ASN D 188 -37.19 40.01 12.07
N ASP D 189 -36.89 40.34 10.80
CA ASP D 189 -36.94 39.33 9.75
C ASP D 189 -35.84 38.30 9.91
N TYR D 190 -34.68 38.72 10.43
CA TYR D 190 -33.57 37.80 10.61
C TYR D 190 -33.94 36.69 11.58
N LEU D 191 -34.72 37.01 12.61
CA LEU D 191 -35.19 36.00 13.56
C LEU D 191 -36.00 34.94 12.84
N LEU D 192 -36.93 35.37 11.98
CA LEU D 192 -37.78 34.43 11.26
C LEU D 192 -36.95 33.55 10.34
N SER D 193 -35.99 34.15 9.63
CA SER D 193 -35.15 33.39 8.72
C SER D 193 -34.31 32.35 9.46
N TRP D 194 -33.73 32.77 10.59
CA TRP D 194 -32.90 31.87 11.39
C TRP D 194 -33.72 30.72 11.96
N LEU D 195 -34.94 31.02 12.40
CA LEU D 195 -35.83 29.99 12.90
C LEU D 195 -36.18 28.97 11.81
N LEU D 196 -36.45 29.45 10.59
CA LEU D 196 -36.71 28.52 9.49
C LEU D 196 -35.49 27.67 9.17
N PHE D 197 -34.30 28.27 9.20
CA PHE D 197 -33.08 27.52 8.94
C PHE D 197 -32.92 26.38 9.95
N ILE D 198 -33.06 26.69 11.24
CA ILE D 198 -32.91 25.65 12.25
C ILE D 198 -34.05 24.63 12.18
N ALA D 199 -35.26 25.07 11.81
CA ALA D 199 -36.35 24.12 11.64
C ALA D 199 -36.02 23.11 10.56
N PHE D 200 -35.45 23.57 9.45
CA PHE D 200 -35.02 22.66 8.39
C PHE D 200 -33.96 21.69 8.89
N LEU D 201 -32.97 22.22 9.63
CA LEU D 201 -31.89 21.35 10.12
C LEU D 201 -32.44 20.28 11.07
N PHE D 202 -33.31 20.67 11.99
CA PHE D 202 -33.87 19.73 12.95
C PHE D 202 -34.74 18.69 12.26
N SER D 203 -35.53 19.11 11.27
CA SER D 203 -36.34 18.16 10.52
C SER D 203 -35.46 17.15 9.81
N GLY D 204 -34.35 17.60 9.22
CA GLY D 204 -33.42 16.66 8.59
C GLY D 204 -32.86 15.65 9.57
N ILE D 205 -32.45 16.13 10.76
CA ILE D 205 -31.90 15.22 11.76
C ILE D 205 -32.94 14.18 12.17
N ILE D 206 -34.17 14.62 12.42
CA ILE D 206 -35.22 13.70 12.85
C ILE D 206 -35.51 12.68 11.76
N TYR D 207 -35.59 13.13 10.50
CA TYR D 207 -35.84 12.20 9.40
C TYR D 207 -34.73 11.15 9.29
N THR D 208 -33.47 11.58 9.41
CA THR D 208 -32.36 10.65 9.27
C THR D 208 -32.36 9.61 10.38
N TYR D 209 -32.50 10.06 11.63
CA TYR D 209 -32.53 9.09 12.73
C TYR D 209 -33.84 8.30 12.80
N GLY D 210 -34.85 8.67 12.03
CA GLY D 210 -36.00 7.78 11.89
C GLY D 210 -35.71 6.67 10.90
N HIS D 211 -35.13 7.07 9.76
CA HIS D 211 -34.83 6.08 8.72
C HIS D 211 -33.77 5.08 9.17
N VAL D 212 -32.81 5.52 10.00
CA VAL D 212 -31.79 4.60 10.49
C VAL D 212 -32.43 3.47 11.30
N LEU D 213 -33.30 3.84 12.25
CA LEU D 213 -33.96 2.84 13.06
C LEU D 213 -34.88 1.96 12.23
N TRP D 214 -35.56 2.54 11.23
CA TRP D 214 -36.42 1.74 10.37
C TRP D 214 -35.60 0.68 9.62
N LYS D 215 -34.46 1.07 9.06
CA LYS D 215 -33.62 0.11 8.35
C LYS D 215 -33.08 -0.96 9.29
N ALA D 216 -32.66 -0.57 10.49
CA ALA D 216 -32.15 -1.56 11.43
C ALA D 216 -33.23 -2.58 11.81
N HIS D 217 -34.44 -2.10 12.09
CA HIS D 217 -35.54 -3.01 12.42
C HIS D 217 -35.86 -3.92 11.26
N GLN D 218 -35.87 -3.38 10.03
CA GLN D 218 -36.14 -4.21 8.87
C GLN D 218 -35.10 -5.31 8.70
N HIS D 219 -33.82 -4.96 8.88
CA HIS D 219 -32.77 -5.96 8.74
C HIS D 219 -32.88 -7.04 9.81
N VAL D 220 -33.15 -6.64 11.06
CA VAL D 220 -33.29 -7.62 12.13
C VAL D 220 -34.46 -8.55 11.85
N ALA D 221 -35.60 -7.99 11.42
CA ALA D 221 -36.76 -8.82 11.10
C ALA D 221 -36.45 -9.77 9.95
N SER D 222 -35.74 -9.30 8.92
CA SER D 222 -35.41 -10.16 7.79
C SER D 222 -34.48 -11.30 8.21
N LEU D 223 -33.50 -11.00 9.06
CA LEU D 223 -32.60 -12.06 9.53
C LEU D 223 -33.32 -13.04 10.46
N SER D 224 -34.33 -12.57 11.20
CA SER D 224 -35.03 -13.45 12.13
C SER D 224 -35.81 -14.55 11.43
N GLY D 225 -36.00 -14.46 10.12
CA GLY D 225 -36.71 -15.51 9.41
C GLY D 225 -35.98 -16.84 9.43
N HIS D 226 -34.66 -16.80 9.22
CA HIS D 226 -33.88 -18.04 9.24
C HIS D 226 -33.90 -18.69 10.62
N GLN D 227 -33.76 -17.89 11.67
CA GLN D 227 -33.78 -18.41 13.04
C GLN D 227 -34.04 -17.29 14.03
N MET D 237 -32.68 -9.41 18.00
CA MET D 237 -33.45 -8.25 18.40
C MET D 237 -32.61 -7.34 19.30
N ARG D 238 -31.35 -7.74 19.51
CA ARG D 238 -30.47 -6.93 20.34
C ARG D 238 -29.99 -5.69 19.62
N LEU D 239 -29.83 -5.76 18.29
CA LEU D 239 -29.32 -4.62 17.54
C LEU D 239 -30.29 -3.44 17.61
N ASP D 240 -31.58 -3.70 17.47
CA ASP D 240 -32.56 -2.62 17.53
C ASP D 240 -32.56 -1.94 18.89
N VAL D 241 -32.51 -2.73 19.96
CA VAL D 241 -32.50 -2.16 21.30
C VAL D 241 -31.22 -1.35 21.53
N ARG D 242 -30.09 -1.90 21.08
CA ARG D 242 -28.82 -1.18 21.25
C ARG D 242 -28.84 0.15 20.51
N LEU D 243 -29.39 0.16 19.30
CA LEU D 243 -29.46 1.41 18.54
C LEU D 243 -30.42 2.40 19.18
N ALA D 244 -31.59 1.93 19.61
CA ALA D 244 -32.60 2.82 20.17
C ALA D 244 -32.11 3.44 21.48
N LYS D 245 -31.48 2.65 22.35
CA LYS D 245 -31.05 3.14 23.65
C LYS D 245 -30.09 4.32 23.54
N THR D 246 -29.42 4.48 22.40
CA THR D 246 -28.56 5.62 22.14
C THR D 246 -29.26 6.72 21.35
N LEU D 247 -29.97 6.34 20.29
CA LEU D 247 -30.57 7.35 19.42
C LEU D 247 -31.68 8.11 20.12
N GLY D 248 -32.52 7.42 20.88
CA GLY D 248 -33.57 8.11 21.63
C GLY D 248 -32.99 9.06 22.66
N LEU D 249 -31.91 8.65 23.32
CA LEU D 249 -31.25 9.54 24.28
C LEU D 249 -30.71 10.79 23.58
N VAL D 250 -30.10 10.61 22.41
CA VAL D 250 -29.59 11.76 21.65
C VAL D 250 -30.72 12.72 21.30
N LEU D 251 -31.81 12.18 20.76
CA LEU D 251 -32.94 13.01 20.37
C LEU D 251 -33.52 13.75 21.57
N ALA D 252 -33.68 13.06 22.70
CA ALA D 252 -34.26 13.68 23.88
C ALA D 252 -33.35 14.79 24.40
N VAL D 253 -32.05 14.53 24.51
CA VAL D 253 -31.16 15.54 25.08
C VAL D 253 -31.06 16.75 24.17
N LEU D 254 -31.19 16.55 22.85
CA LEU D 254 -31.22 17.72 21.96
C LEU D 254 -32.53 18.48 22.09
N LEU D 255 -33.67 17.77 22.06
CA LEU D 255 -34.96 18.42 21.97
C LEU D 255 -35.32 19.15 23.27
N ILE D 256 -35.19 18.47 24.42
CA ILE D 256 -35.60 19.09 25.67
C ILE D 256 -34.75 20.31 25.99
N CYS D 257 -33.57 20.43 25.38
CA CYS D 257 -32.72 21.59 25.60
C CYS D 257 -32.96 22.71 24.59
N TRP D 258 -33.24 22.37 23.33
CA TRP D 258 -33.37 23.40 22.32
C TRP D 258 -34.81 23.85 22.05
N PHE D 259 -35.81 23.09 22.48
CA PHE D 259 -37.20 23.49 22.23
C PHE D 259 -37.61 24.77 22.96
N PRO D 260 -37.34 24.94 24.27
CA PRO D 260 -37.88 26.13 24.96
C PRO D 260 -37.42 27.46 24.38
N VAL D 261 -36.14 27.57 23.98
CA VAL D 261 -35.63 28.84 23.48
C VAL D 261 -36.31 29.19 22.16
N LEU D 262 -36.39 28.23 21.24
CA LEU D 262 -37.04 28.49 19.96
C LEU D 262 -38.52 28.78 20.14
N ALA D 263 -39.19 28.06 21.05
CA ALA D 263 -40.60 28.30 21.30
C ALA D 263 -40.84 29.70 21.83
N LEU D 264 -40.02 30.14 22.79
CA LEU D 264 -40.20 31.47 23.36
C LEU D 264 -39.87 32.55 22.33
N MET D 265 -38.85 32.32 21.49
CA MET D 265 -38.55 33.29 20.44
C MET D 265 -39.69 33.39 19.44
N ALA D 266 -40.28 32.26 19.06
CA ALA D 266 -41.42 32.29 18.15
C ALA D 266 -42.60 33.01 18.78
N HIS D 267 -42.84 32.78 20.08
CA HIS D 267 -43.92 33.48 20.76
C HIS D 267 -43.68 34.98 20.78
N SER D 268 -42.43 35.40 21.03
CA SER D 268 -42.11 36.82 21.04
C SER D 268 -42.19 37.43 19.65
N LEU D 269 -41.99 36.62 18.60
CA LEU D 269 -42.09 37.14 17.24
C LEU D 269 -43.48 37.68 16.95
N ALA D 270 -44.52 36.97 17.37
CA ALA D 270 -45.89 37.38 17.09
C ALA D 270 -46.49 38.25 18.19
N THR D 271 -46.20 37.93 19.45
CA THR D 271 -46.79 38.63 20.58
C THR D 271 -45.78 39.62 21.16
N THR D 272 -46.29 40.78 21.59
CA THR D 272 -45.45 41.80 22.19
C THR D 272 -44.95 41.42 23.58
N LEU D 273 -45.40 40.28 24.12
CA LEU D 273 -44.94 39.78 25.41
C LEU D 273 -45.23 40.81 26.51
N SER D 274 -46.53 41.01 26.76
CA SER D 274 -46.95 41.95 27.79
C SER D 274 -46.64 41.46 29.20
N ASP D 275 -46.22 40.21 29.35
CA ASP D 275 -45.89 39.65 30.66
C ASP D 275 -44.43 39.95 31.00
N GLN D 276 -43.96 39.40 32.11
CA GLN D 276 -42.57 39.56 32.54
C GLN D 276 -41.66 38.44 32.06
N VAL D 277 -42.19 37.49 31.27
CA VAL D 277 -41.44 36.28 30.94
C VAL D 277 -40.16 36.60 30.20
N LYS D 278 -40.02 37.83 29.68
CA LYS D 278 -38.77 38.22 29.03
C LYS D 278 -37.59 38.09 29.99
N LYS D 279 -37.80 38.41 31.27
CA LYS D 279 -36.75 38.24 32.26
C LYS D 279 -36.34 36.78 32.39
N ALA D 280 -37.28 35.84 32.19
CA ALA D 280 -36.94 34.43 32.20
C ALA D 280 -36.21 34.00 30.93
N PHE D 281 -36.30 34.79 29.85
CA PHE D 281 -35.67 34.40 28.59
C PHE D 281 -34.18 34.17 28.75
N ALA D 282 -33.49 35.09 29.43
CA ALA D 282 -32.07 34.90 29.70
C ALA D 282 -31.82 33.59 30.41
N PHE D 283 -32.67 33.24 31.37
CA PHE D 283 -32.56 31.95 32.04
C PHE D 283 -32.71 30.79 31.07
N CYS D 284 -33.66 30.88 30.13
CA CYS D 284 -33.76 29.85 29.10
C CYS D 284 -32.49 29.78 28.28
N SER D 285 -31.79 30.91 28.12
CA SER D 285 -30.50 30.90 27.42
C SER D 285 -29.50 29.98 28.08
N MET D 286 -29.58 29.84 29.42
CA MET D 286 -28.69 28.91 30.11
C MET D 286 -28.85 27.50 29.56
N LEU D 287 -30.06 27.13 29.13
CA LEU D 287 -30.28 25.81 28.55
C LEU D 287 -29.40 25.59 27.33
N CYS D 288 -29.19 26.64 26.53
CA CYS D 288 -28.34 26.53 25.35
C CYS D 288 -26.92 26.14 25.71
N LEU D 289 -26.50 26.40 26.95
CA LEU D 289 -25.19 25.95 27.40
C LEU D 289 -25.23 24.57 28.04
N ILE D 290 -26.39 24.18 28.57
CA ILE D 290 -26.53 22.88 29.21
C ILE D 290 -26.26 21.75 28.23
N ASN D 291 -26.63 21.96 26.95
CA ASN D 291 -26.31 20.97 25.93
C ASN D 291 -24.80 20.81 25.80
N SER D 292 -24.07 21.93 25.83
CA SER D 292 -22.64 21.90 25.53
C SER D 292 -21.87 21.00 26.48
N MET D 293 -22.35 20.79 27.70
CA MET D 293 -21.62 19.98 28.66
C MET D 293 -21.89 18.49 28.50
N VAL D 294 -22.90 18.10 27.73
CA VAL D 294 -23.25 16.68 27.59
C VAL D 294 -22.90 16.12 26.23
N ASN D 295 -22.55 16.96 25.27
CA ASN D 295 -22.19 16.45 23.94
C ASN D 295 -20.98 15.52 23.97
N PRO D 296 -19.87 15.84 24.66
CA PRO D 296 -18.77 14.87 24.70
C PRO D 296 -19.15 13.55 25.36
N VAL D 297 -20.02 13.58 26.38
CA VAL D 297 -20.40 12.36 27.07
C VAL D 297 -21.26 11.49 26.16
N ILE D 298 -22.27 12.09 25.53
CA ILE D 298 -23.20 11.32 24.70
C ILE D 298 -22.53 10.84 23.42
N TYR D 299 -21.70 11.69 22.81
CA TYR D 299 -21.14 11.40 21.48
C TYR D 299 -19.71 10.88 21.56
N ALA D 300 -18.80 11.66 22.15
CA ALA D 300 -17.38 11.31 22.09
C ALA D 300 -17.04 10.14 23.01
N LEU D 301 -17.58 10.14 24.22
CA LEU D 301 -17.25 9.11 25.20
C LEU D 301 -17.92 7.77 24.87
N ARG D 302 -18.91 7.77 23.98
CA ARG D 302 -19.61 6.54 23.64
C ARG D 302 -18.68 5.58 22.90
N SER D 303 -17.77 6.10 22.09
CA SER D 303 -16.87 5.25 21.30
C SER D 303 -15.88 4.54 22.20
N GLY D 304 -15.74 3.23 22.00
CA GLY D 304 -14.84 2.44 22.85
C GLY D 304 -13.38 2.77 22.63
N GLU D 305 -12.97 2.97 21.38
CA GLU D 305 -11.58 3.25 21.10
C GLU D 305 -11.14 4.58 21.70
N ILE D 306 -12.08 5.54 21.81
CA ILE D 306 -11.78 6.78 22.52
C ILE D 306 -11.42 6.49 23.97
N ARG D 307 -12.18 5.61 24.62
CA ARG D 307 -11.90 5.24 26.00
C ARG D 307 -10.56 4.51 26.12
N SER D 308 -10.26 3.62 25.17
CA SER D 308 -8.98 2.93 25.19
C SER D 308 -7.82 3.90 25.03
N SER D 309 -7.95 4.86 24.11
CA SER D 309 -6.91 5.87 23.93
C SER D 309 -6.77 6.74 25.17
N ALA D 310 -7.89 7.05 25.83
CA ALA D 310 -7.82 7.80 27.08
C ALA D 310 -7.07 7.04 28.15
N HIS D 311 -7.34 5.73 28.26
CA HIS D 311 -6.63 4.90 29.24
C HIS D 311 -5.14 4.87 28.93
N HIS D 312 -4.78 4.70 27.65
CA HIS D 312 -3.37 4.69 27.29
C HIS D 312 -2.71 6.04 27.60
N CYS D 313 -3.40 7.14 27.30
CA CYS D 313 -2.84 8.46 27.55
C CYS D 313 -2.64 8.71 29.04
N LEU D 314 -3.61 8.32 29.87
CA LEU D 314 -3.46 8.53 31.31
C LEU D 314 -2.38 7.61 31.88
N ALA D 315 -2.22 6.40 31.33
CA ALA D 315 -1.12 5.55 31.75
C ALA D 315 0.22 6.16 31.39
N HIS D 316 0.33 6.74 30.19
CA HIS D 316 1.59 7.37 29.78
C HIS D 316 1.89 8.61 30.62
N TRP D 317 0.90 9.42 30.92
CA TRP D 317 1.11 10.70 31.59
C TRP D 317 1.36 10.59 33.08
N LYS D 318 1.59 9.38 33.60
CA LYS D 318 1.95 9.21 35.00
C LYS D 318 3.37 9.66 35.30
N LYS D 319 4.21 9.85 34.28
CA LYS D 319 5.57 10.31 34.49
C LYS D 319 5.62 11.82 34.69
N VAL E 2 4.81 -4.90 -35.49
CA VAL E 2 4.75 -3.45 -35.33
C VAL E 2 4.82 -2.75 -36.68
N GLN E 3 3.86 -1.86 -36.93
CA GLN E 3 3.82 -1.12 -38.18
C GLN E 3 2.85 0.05 -38.06
N LEU E 4 3.19 1.12 -38.77
CA LEU E 4 2.39 2.35 -38.83
C LEU E 4 2.09 2.63 -40.29
N VAL E 5 0.81 2.80 -40.62
CA VAL E 5 0.36 3.01 -41.99
C VAL E 5 -0.31 4.37 -42.08
N GLU E 6 0.08 5.14 -43.09
CA GLU E 6 -0.44 6.48 -43.28
C GLU E 6 -1.51 6.50 -44.36
N SER E 7 -2.55 7.32 -44.15
CA SER E 7 -3.62 7.48 -45.12
C SER E 7 -4.00 8.95 -45.21
N GLY E 8 -4.28 9.38 -46.45
CA GLY E 8 -4.62 10.77 -46.72
C GLY E 8 -3.68 11.38 -47.75
N GLY E 9 -3.50 12.69 -47.68
CA GLY E 9 -2.55 13.36 -48.54
C GLY E 9 -3.00 13.44 -49.98
N GLY E 10 -2.06 13.84 -50.84
CA GLY E 10 -2.35 13.98 -52.26
C GLY E 10 -2.28 15.42 -52.75
N LEU E 11 -3.10 15.74 -53.74
CA LEU E 11 -3.16 17.09 -54.30
C LEU E 11 -4.18 17.91 -53.53
N VAL E 12 -3.74 19.04 -52.97
CA VAL E 12 -4.60 19.89 -52.17
C VAL E 12 -4.41 21.34 -52.60
N GLN E 13 -5.51 22.08 -52.73
CA GLN E 13 -5.44 23.51 -52.93
C GLN E 13 -5.07 24.21 -51.62
N PRO E 14 -4.49 25.40 -51.68
CA PRO E 14 -4.13 26.11 -50.45
C PRO E 14 -5.37 26.40 -49.60
N GLY E 15 -5.22 26.22 -48.29
CA GLY E 15 -6.32 26.45 -47.38
C GLY E 15 -7.41 25.40 -47.39
N GLY E 16 -7.14 24.20 -47.92
CA GLY E 16 -8.13 23.16 -47.97
C GLY E 16 -8.33 22.48 -46.63
N SER E 17 -9.23 21.49 -46.64
CA SER E 17 -9.55 20.71 -45.44
C SER E 17 -9.50 19.24 -45.80
N ARG E 18 -8.77 18.45 -44.99
CA ARG E 18 -8.62 17.03 -45.24
C ARG E 18 -8.27 16.31 -43.94
N LYS E 19 -8.51 15.01 -43.92
CA LYS E 19 -8.21 14.13 -42.80
C LYS E 19 -6.88 13.47 -43.08
N LEU E 20 -5.98 13.46 -42.09
CA LEU E 20 -4.79 12.62 -42.15
C LEU E 20 -4.86 11.57 -41.05
N SER E 21 -4.64 10.30 -41.42
CA SER E 21 -4.78 9.22 -40.45
C SER E 21 -3.50 8.40 -40.38
N CYS E 22 -3.16 8.00 -39.15
CA CYS E 22 -2.02 7.14 -38.85
C CYS E 22 -2.56 5.94 -38.09
N SER E 23 -2.50 4.77 -38.71
CA SER E 23 -3.04 3.55 -38.13
C SER E 23 -1.90 2.69 -37.62
N ALA E 24 -2.02 2.24 -36.37
CA ALA E 24 -0.98 1.49 -35.69
C ALA E 24 -1.42 0.04 -35.50
N SER E 25 -0.51 -0.89 -35.73
CA SER E 25 -0.82 -2.28 -35.42
C SER E 25 0.45 -3.03 -35.05
N GLY E 26 0.38 -3.77 -33.95
CA GLY E 26 1.51 -4.55 -33.47
C GLY E 26 2.14 -4.08 -32.18
N PHE E 27 1.54 -3.13 -31.47
CA PHE E 27 2.09 -2.66 -30.21
C PHE E 27 0.98 -2.01 -29.39
N ALA E 28 1.33 -1.64 -28.16
CA ALA E 28 0.40 -0.98 -27.25
C ALA E 28 0.35 0.51 -27.60
N PHE E 29 -0.73 0.91 -28.27
CA PHE E 29 -0.84 2.29 -28.73
C PHE E 29 -1.18 3.25 -27.59
N SER E 30 -1.89 2.77 -26.57
CA SER E 30 -2.37 3.65 -25.51
C SER E 30 -1.28 4.14 -24.58
N SER E 31 -0.07 3.59 -24.67
CA SER E 31 1.03 3.99 -23.79
C SER E 31 2.12 4.76 -24.52
N PHE E 32 1.89 5.17 -25.76
CA PHE E 32 2.90 5.86 -26.55
C PHE E 32 2.41 7.24 -26.94
N GLY E 33 3.30 8.23 -26.77
CA GLY E 33 3.04 9.55 -27.33
C GLY E 33 3.33 9.60 -28.80
N MET E 34 2.65 10.50 -29.50
CA MET E 34 2.67 10.54 -30.95
C MET E 34 3.18 11.88 -31.46
N HIS E 35 3.98 11.82 -32.53
CA HIS E 35 4.57 12.99 -33.18
C HIS E 35 4.24 12.95 -34.67
N TRP E 36 4.11 14.14 -35.25
CA TRP E 36 4.04 14.31 -36.69
C TRP E 36 5.28 15.07 -37.15
N VAL E 37 5.93 14.58 -38.21
CA VAL E 37 7.17 15.17 -38.70
C VAL E 37 7.01 15.45 -40.19
N ARG E 38 7.63 16.54 -40.66
CA ARG E 38 7.51 16.99 -42.03
C ARG E 38 8.89 17.09 -42.67
N GLN E 39 8.99 16.66 -43.94
CA GLN E 39 10.22 16.77 -44.70
C GLN E 39 9.90 17.39 -46.06
N ALA E 40 10.39 18.60 -46.29
CA ALA E 40 10.17 19.25 -47.57
C ALA E 40 11.08 18.64 -48.64
N PRO E 41 10.63 18.61 -49.89
CA PRO E 41 11.48 18.08 -50.97
C PRO E 41 12.80 18.81 -51.13
N GLU E 42 12.82 20.12 -50.90
CA GLU E 42 14.04 20.91 -51.01
C GLU E 42 14.70 21.17 -49.65
N LYS E 43 14.20 20.57 -48.57
CA LYS E 43 14.76 20.81 -47.25
C LYS E 43 14.89 19.51 -46.47
N GLY E 44 15.20 19.62 -45.17
CA GLY E 44 15.32 18.46 -44.31
C GLY E 44 14.06 18.19 -43.53
N LEU E 45 14.20 17.68 -42.32
CA LEU E 45 13.06 17.34 -41.48
C LEU E 45 12.61 18.56 -40.69
N GLU E 46 11.35 18.52 -40.23
CA GLU E 46 10.77 19.64 -39.51
C GLU E 46 9.60 19.14 -38.67
N TRP E 47 9.63 19.45 -37.38
CA TRP E 47 8.57 19.01 -36.46
C TRP E 47 7.27 19.72 -36.75
N VAL E 48 6.16 19.04 -36.44
CA VAL E 48 4.83 19.59 -36.71
C VAL E 48 4.01 19.65 -35.43
N ALA E 49 3.73 18.49 -34.82
CA ALA E 49 2.82 18.46 -33.69
C ALA E 49 3.14 17.25 -32.81
N TYR E 50 2.74 17.36 -31.54
CA TYR E 50 2.98 16.33 -30.53
C TYR E 50 1.77 16.20 -29.62
N ILE E 51 1.40 14.96 -29.29
CA ILE E 51 0.46 14.69 -28.21
C ILE E 51 1.01 13.55 -27.36
N SER E 52 0.55 13.50 -26.12
CA SER E 52 1.02 12.51 -25.15
C SER E 52 -0.02 11.41 -24.97
N SER E 53 0.34 10.41 -24.18
CA SER E 53 -0.57 9.32 -23.86
C SER E 53 -1.69 9.83 -22.96
N GLY E 54 -2.92 9.46 -23.29
CA GLY E 54 -4.07 9.92 -22.55
C GLY E 54 -4.55 11.30 -22.91
N SER E 55 -4.05 11.87 -24.01
CA SER E 55 -4.45 13.21 -24.48
C SER E 55 -4.21 14.27 -23.40
N GLY E 56 -3.07 14.15 -22.71
CA GLY E 56 -2.74 15.09 -21.65
C GLY E 56 -2.38 16.47 -22.15
N THR E 57 -1.25 16.58 -22.86
CA THR E 57 -0.76 17.84 -23.37
C THR E 57 -0.63 17.77 -24.88
N ILE E 58 -0.80 18.92 -25.53
CA ILE E 58 -0.68 19.04 -26.97
C ILE E 58 0.27 20.18 -27.28
N TYR E 59 1.19 19.97 -28.21
CA TYR E 59 2.16 20.99 -28.59
C TYR E 59 2.22 21.14 -30.11
N TYR E 60 2.31 22.38 -30.56
CA TYR E 60 2.45 22.72 -31.97
C TYR E 60 3.69 23.56 -32.17
N ALA E 61 4.18 23.58 -33.40
CA ALA E 61 5.30 24.45 -33.74
C ALA E 61 4.84 25.91 -33.72
N ASP E 62 5.78 26.79 -33.37
CA ASP E 62 5.45 28.21 -33.26
C ASP E 62 5.05 28.83 -34.59
N THR E 63 5.43 28.21 -35.71
CA THR E 63 5.08 28.70 -37.03
C THR E 63 3.82 28.07 -37.58
N VAL E 64 3.19 27.17 -36.83
CA VAL E 64 1.97 26.51 -37.29
C VAL E 64 0.95 26.53 -36.15
N LYS E 65 1.26 27.31 -35.11
CA LYS E 65 0.40 27.36 -33.93
C LYS E 65 -0.96 27.93 -34.31
N GLY E 66 -2.02 27.17 -34.03
CA GLY E 66 -3.35 27.58 -34.39
C GLY E 66 -3.74 27.30 -35.83
N ARG E 67 -2.88 26.62 -36.58
CA ARG E 67 -3.13 26.30 -37.98
C ARG E 67 -3.63 24.88 -38.18
N PHE E 68 -2.99 23.90 -37.53
CA PHE E 68 -3.41 22.50 -37.56
C PHE E 68 -3.93 22.08 -36.19
N THR E 69 -4.44 20.86 -36.11
CA THR E 69 -4.79 20.25 -34.84
C THR E 69 -4.72 18.74 -34.99
N ILE E 70 -4.54 18.06 -33.86
CA ILE E 70 -4.25 16.64 -33.82
C ILE E 70 -5.09 15.98 -32.74
N SER E 71 -5.59 14.78 -33.02
CA SER E 71 -6.40 14.03 -32.09
C SER E 71 -5.99 12.57 -32.11
N ARG E 72 -6.35 11.86 -31.05
CA ARG E 72 -5.97 10.47 -30.85
C ARG E 72 -7.18 9.66 -30.43
N ASP E 73 -7.37 8.49 -31.03
CA ASP E 73 -8.50 7.61 -30.72
C ASP E 73 -7.93 6.27 -30.28
N ASP E 74 -7.78 6.10 -28.96
CA ASP E 74 -7.26 4.85 -28.42
C ASP E 74 -8.19 3.66 -28.66
N PRO E 75 -9.49 3.72 -28.35
CA PRO E 75 -10.33 2.55 -28.63
C PRO E 75 -10.34 2.15 -30.10
N LYS E 76 -10.35 3.12 -31.01
CA LYS E 76 -10.20 2.82 -32.42
C LYS E 76 -8.75 2.62 -32.83
N ASN E 77 -7.81 2.97 -31.96
CA ASN E 77 -6.37 2.76 -32.20
C ASN E 77 -5.92 3.47 -33.48
N THR E 78 -6.03 4.80 -33.47
CA THR E 78 -5.64 5.59 -34.63
C THR E 78 -5.28 7.00 -34.21
N LEU E 79 -4.61 7.69 -35.12
CA LEU E 79 -4.19 9.07 -34.94
C LEU E 79 -4.74 9.91 -36.08
N PHE E 80 -5.26 11.10 -35.76
CA PHE E 80 -5.92 11.94 -36.76
C PHE E 80 -5.32 13.34 -36.72
N LEU E 81 -5.28 13.98 -37.89
CA LEU E 81 -4.80 15.35 -38.00
C LEU E 81 -5.71 16.09 -38.97
N GLN E 82 -6.10 17.31 -38.58
CA GLN E 82 -6.97 18.15 -39.39
C GLN E 82 -6.11 19.01 -40.29
N MET E 83 -5.91 18.57 -41.53
CA MET E 83 -5.15 19.33 -42.51
C MET E 83 -6.01 20.50 -42.97
N THR E 84 -5.75 21.69 -42.44
CA THR E 84 -6.55 22.86 -42.74
C THR E 84 -5.68 24.10 -42.72
N SER E 85 -6.11 25.12 -43.45
CA SER E 85 -5.39 26.40 -43.57
C SER E 85 -3.95 26.17 -44.00
N LEU E 86 -3.79 25.64 -45.20
CA LEU E 86 -2.49 25.30 -45.76
C LEU E 86 -1.96 26.43 -46.64
N ARG E 87 -0.67 26.71 -46.53
CA ARG E 87 -0.02 27.72 -47.34
C ARG E 87 0.48 27.08 -48.64
N SER E 88 1.31 27.81 -49.37
CA SER E 88 1.87 27.29 -50.62
C SER E 88 3.15 26.49 -50.40
N GLU E 89 3.70 26.49 -49.18
CA GLU E 89 4.95 25.80 -48.89
C GLU E 89 4.75 24.56 -48.03
N ASP E 90 3.55 23.98 -48.02
CA ASP E 90 3.27 22.80 -47.22
C ASP E 90 3.45 21.50 -48.00
N THR E 91 3.77 21.57 -49.29
CA THR E 91 3.99 20.36 -50.07
C THR E 91 5.25 19.65 -49.58
N ALA E 92 5.10 18.43 -49.10
CA ALA E 92 6.20 17.74 -48.41
C ALA E 92 5.84 16.28 -48.23
N MET E 93 6.63 15.58 -47.41
CA MET E 93 6.39 14.21 -47.01
C MET E 93 6.13 14.20 -45.50
N TYR E 94 5.07 13.51 -45.08
CA TYR E 94 4.64 13.52 -43.69
C TYR E 94 4.89 12.15 -43.06
N TYR E 95 5.42 12.15 -41.83
CA TYR E 95 5.79 10.95 -41.12
C TYR E 95 5.10 10.92 -39.75
N CYS E 96 4.73 9.72 -39.31
CA CYS E 96 4.10 9.47 -38.03
C CYS E 96 5.09 8.75 -37.14
N VAL E 97 5.33 9.27 -35.95
CA VAL E 97 6.39 8.76 -35.08
C VAL E 97 5.81 8.47 -33.70
N ARG E 98 6.32 7.42 -33.06
CA ARG E 98 5.95 7.05 -31.70
C ARG E 98 7.12 7.33 -30.76
N SER E 99 6.79 7.60 -29.49
CA SER E 99 7.83 7.87 -28.50
C SER E 99 7.25 7.68 -27.10
N ILE E 100 7.98 6.97 -26.25
CA ILE E 100 7.56 6.71 -24.88
C ILE E 100 8.65 7.21 -23.93
N TYR E 101 8.24 7.91 -22.88
CA TYR E 101 9.16 8.59 -21.97
C TYR E 101 9.04 7.98 -20.58
N TYR E 102 10.09 7.28 -20.15
CA TYR E 102 10.30 6.93 -18.76
C TYR E 102 11.81 6.79 -18.55
N TYR E 103 12.21 6.48 -17.32
CA TYR E 103 13.63 6.37 -17.03
C TYR E 103 14.28 5.27 -17.85
N GLY E 104 15.27 5.62 -18.66
CA GLY E 104 15.95 4.65 -19.50
C GLY E 104 15.28 4.35 -20.82
N SER E 105 14.20 5.06 -21.16
CA SER E 105 13.51 4.82 -22.41
C SER E 105 14.32 5.32 -23.59
N SER E 106 13.93 4.90 -24.79
CA SER E 106 14.54 5.34 -26.04
C SER E 106 13.45 5.78 -26.99
N PRO E 107 13.00 7.03 -26.87
CA PRO E 107 11.94 7.53 -27.76
C PRO E 107 12.45 7.72 -29.18
N PHE E 108 11.51 8.01 -30.08
CA PHE E 108 11.77 8.22 -31.50
C PHE E 108 12.29 6.97 -32.20
N ASP E 109 11.96 5.79 -31.68
CA ASP E 109 12.57 4.56 -32.18
C ASP E 109 12.01 4.13 -33.54
N PHE E 110 10.70 4.24 -33.73
CA PHE E 110 10.04 3.70 -34.92
C PHE E 110 9.37 4.81 -35.71
N TRP E 111 9.51 4.76 -37.03
CA TRP E 111 8.95 5.74 -37.95
C TRP E 111 8.03 5.07 -38.95
N GLY E 112 7.07 5.84 -39.45
CA GLY E 112 6.15 5.35 -40.47
C GLY E 112 6.67 5.52 -41.88
N GLN E 113 5.80 5.23 -42.84
CA GLN E 113 6.18 5.36 -44.25
C GLN E 113 5.96 6.77 -44.77
N GLY E 114 4.92 7.43 -44.29
CA GLY E 114 4.65 8.81 -44.66
C GLY E 114 3.74 8.94 -45.87
N THR E 115 3.22 10.15 -46.05
CA THR E 115 2.32 10.46 -47.15
C THR E 115 2.81 11.72 -47.88
N THR E 116 2.63 11.73 -49.20
CA THR E 116 3.04 12.85 -50.02
C THR E 116 1.94 13.91 -50.07
N LEU E 117 2.34 15.18 -50.08
CA LEU E 117 1.44 16.31 -50.13
C LEU E 117 1.93 17.28 -51.19
N THR E 118 1.10 17.53 -52.20
CA THR E 118 1.39 18.53 -53.23
C THR E 118 0.33 19.62 -53.14
N VAL E 119 0.76 20.82 -52.75
CA VAL E 119 -0.12 21.98 -52.67
C VAL E 119 0.08 22.85 -53.90
N SER E 120 -1.02 23.42 -54.40
CA SER E 120 -0.96 24.26 -55.59
C SER E 120 -0.32 25.61 -55.25
N SER E 121 0.07 26.34 -56.28
CA SER E 121 0.71 27.63 -56.11
C SER E 121 -0.05 28.71 -56.88
N SER E 136 13.84 32.56 -29.95
CA SER E 136 14.35 32.03 -28.69
C SER E 136 14.62 30.54 -28.78
N ASP E 137 14.45 29.99 -29.97
CA ASP E 137 14.66 28.56 -30.18
C ASP E 137 16.14 28.24 -30.28
N ILE E 138 16.45 26.95 -30.19
CA ILE E 138 17.83 26.47 -30.27
C ILE E 138 18.11 26.04 -31.70
N VAL E 139 19.21 26.55 -32.25
CA VAL E 139 19.63 26.25 -33.62
C VAL E 139 20.99 25.58 -33.56
N MET E 140 21.10 24.39 -34.17
CA MET E 140 22.35 23.66 -34.19
C MET E 140 23.08 23.89 -35.52
N THR E 141 24.33 23.43 -35.58
CA THR E 141 25.15 23.60 -36.76
C THR E 141 26.05 22.38 -36.92
N GLN E 142 26.49 22.17 -38.15
CA GLN E 142 27.38 21.06 -38.49
C GLN E 142 28.67 21.62 -39.06
N ALA E 143 29.80 21.21 -38.49
CA ALA E 143 31.09 21.75 -38.89
C ALA E 143 31.41 21.43 -40.34
N THR E 144 31.22 20.18 -40.75
CA THR E 144 31.51 19.73 -42.10
C THR E 144 30.21 19.30 -42.77
N SER E 145 29.94 19.85 -43.96
CA SER E 145 28.71 19.55 -44.67
C SER E 145 28.87 18.37 -45.63
N SER E 146 30.06 17.80 -45.76
CA SER E 146 30.28 16.64 -46.60
C SER E 146 31.56 15.94 -46.16
N VAL E 147 31.43 14.69 -45.72
CA VAL E 147 32.58 13.92 -45.24
C VAL E 147 32.61 12.57 -45.95
N PRO E 148 33.76 12.14 -46.47
CA PRO E 148 33.86 10.76 -46.98
C PRO E 148 33.73 9.75 -45.85
N VAL E 149 33.15 8.60 -46.19
CA VAL E 149 32.86 7.56 -45.21
C VAL E 149 33.28 6.21 -45.77
N THR E 150 33.96 5.42 -44.94
CA THR E 150 34.31 4.03 -45.28
C THR E 150 33.71 3.10 -44.23
N PRO E 151 32.69 2.31 -44.57
CA PRO E 151 32.12 1.37 -43.60
C PRO E 151 33.12 0.30 -43.21
N GLY E 152 32.98 -0.19 -41.99
CA GLY E 152 33.87 -1.20 -41.44
C GLY E 152 34.89 -0.68 -40.46
N GLU E 153 35.05 0.63 -40.35
CA GLU E 153 35.96 1.25 -39.39
C GLU E 153 35.16 1.79 -38.21
N SER E 154 35.83 2.51 -37.32
CA SER E 154 35.18 3.17 -36.21
C SER E 154 34.89 4.62 -36.58
N VAL E 155 33.65 5.05 -36.38
CA VAL E 155 33.20 6.39 -36.77
C VAL E 155 32.81 7.15 -35.51
N SER E 156 33.31 8.38 -35.40
CA SER E 156 32.99 9.30 -34.32
C SER E 156 32.19 10.46 -34.88
N ILE E 157 31.05 10.75 -34.25
CA ILE E 157 30.10 11.74 -34.73
C ILE E 157 29.78 12.72 -33.62
N SER E 158 29.64 13.99 -33.98
CA SER E 158 29.32 15.02 -33.00
C SER E 158 28.64 16.19 -33.70
N CYS E 159 27.77 16.88 -32.95
CA CYS E 159 27.04 18.05 -33.43
C CYS E 159 27.18 19.17 -32.41
N ARG E 160 27.02 20.41 -32.87
CA ARG E 160 27.12 21.58 -32.01
C ARG E 160 25.90 22.47 -32.20
N SER E 161 25.56 23.20 -31.14
CA SER E 161 24.34 24.00 -31.11
C SER E 161 24.59 25.41 -30.59
N SER E 162 23.51 26.17 -30.39
CA SER E 162 23.59 27.51 -29.85
C SER E 162 23.61 27.55 -28.33
N LYS E 163 23.31 26.43 -27.67
CA LYS E 163 23.30 26.36 -26.22
C LYS E 163 23.92 25.03 -25.78
N SER E 164 24.24 24.95 -24.50
CA SER E 164 24.69 23.70 -23.91
C SER E 164 23.46 22.85 -23.59
N LEU E 165 23.47 21.60 -24.02
CA LEU E 165 22.30 20.74 -23.88
C LEU E 165 22.22 20.04 -22.53
N LEU E 166 23.26 20.15 -21.70
CA LEU E 166 23.26 19.48 -20.40
C LEU E 166 22.21 20.13 -19.50
N HIS E 167 21.40 19.29 -18.84
CA HIS E 167 20.45 19.76 -17.85
C HIS E 167 21.07 19.64 -16.46
N SER E 168 20.34 20.15 -15.47
CA SER E 168 20.80 20.07 -14.09
C SER E 168 20.91 18.63 -13.59
N ASN E 169 20.21 17.69 -14.24
CA ASN E 169 20.33 16.30 -13.85
C ASN E 169 21.64 15.67 -14.32
N GLY E 170 22.36 16.33 -15.22
CA GLY E 170 23.71 15.93 -15.55
C GLY E 170 23.88 14.96 -16.70
N ASN E 171 22.91 14.86 -17.60
CA ASN E 171 23.02 13.96 -18.73
C ASN E 171 23.25 14.73 -20.03
N THR E 172 24.21 14.27 -20.82
CA THR E 172 24.40 14.79 -22.17
C THR E 172 23.24 14.30 -23.03
N TYR E 173 22.64 15.22 -23.78
CA TYR E 173 21.25 15.05 -24.19
C TYR E 173 21.10 15.52 -25.64
N LEU E 174 21.22 14.59 -26.58
CA LEU E 174 21.15 14.90 -28.00
C LEU E 174 20.93 13.61 -28.78
N TYR E 175 20.18 13.72 -29.89
CA TYR E 175 19.76 12.55 -30.66
C TYR E 175 20.47 12.56 -32.01
N TRP E 176 21.12 11.46 -32.35
CA TRP E 176 21.77 11.30 -33.64
C TRP E 176 20.97 10.32 -34.47
N PHE E 177 20.60 10.74 -35.69
CA PHE E 177 19.54 10.09 -36.44
C PHE E 177 19.98 9.95 -37.88
N LEU E 178 19.39 8.97 -38.58
CA LEU E 178 19.80 8.68 -39.95
C LEU E 178 18.59 8.59 -40.88
N GLN E 179 18.81 9.04 -42.11
CA GLN E 179 17.86 8.86 -43.21
C GLN E 179 18.57 8.10 -44.31
N ARG E 180 18.00 6.95 -44.69
CA ARG E 180 18.54 6.15 -45.79
C ARG E 180 17.91 6.59 -47.10
N PRO E 181 18.67 6.59 -48.21
CA PRO E 181 18.09 7.03 -49.48
C PRO E 181 17.09 6.02 -50.04
N GLY E 182 15.88 6.50 -50.30
CA GLY E 182 14.84 5.70 -50.93
C GLY E 182 13.76 5.18 -50.02
N GLN E 183 13.93 5.24 -48.70
CA GLN E 183 12.93 4.73 -47.78
C GLN E 183 12.91 5.60 -46.52
N SER E 184 12.10 5.18 -45.54
CA SER E 184 11.85 5.94 -44.33
C SER E 184 13.09 5.97 -43.43
N PRO E 185 13.22 6.99 -42.60
CA PRO E 185 14.40 7.10 -41.73
C PRO E 185 14.30 6.16 -40.53
N GLN E 186 15.43 6.02 -39.82
CA GLN E 186 15.51 5.15 -38.66
C GLN E 186 16.47 5.78 -37.64
N LEU E 187 16.35 5.32 -36.40
CA LEU E 187 17.10 5.88 -35.29
C LEU E 187 18.49 5.26 -35.20
N LEU E 188 19.49 6.10 -34.90
CA LEU E 188 20.86 5.64 -34.68
C LEU E 188 21.25 5.64 -33.21
N ILE E 189 21.12 6.76 -32.52
CA ILE E 189 21.34 6.79 -31.07
C ILE E 189 20.51 7.90 -30.47
N TYR E 190 19.97 7.65 -29.29
CA TYR E 190 19.34 8.67 -28.47
C TYR E 190 20.38 9.36 -27.58
N ARG E 191 19.92 10.09 -26.57
CA ARG E 191 20.78 10.94 -25.73
C ARG E 191 22.05 10.22 -25.31
N MET E 192 23.13 10.99 -25.18
CA MET E 192 24.46 10.43 -25.00
C MET E 192 24.56 9.70 -23.66
N SER E 193 25.63 8.91 -23.53
CA SER E 193 26.01 8.15 -22.34
C SER E 193 25.02 7.05 -21.97
N ASN E 194 24.08 6.70 -22.85
CA ASN E 194 23.10 5.68 -22.53
C ASN E 194 22.81 4.82 -23.75
N LEU E 195 22.76 3.51 -23.55
CA LEU E 195 22.47 2.54 -24.60
C LEU E 195 21.42 1.56 -24.10
N ALA E 196 20.28 1.52 -24.78
CA ALA E 196 19.16 0.66 -24.42
C ALA E 196 19.00 -0.47 -25.43
N SER E 197 17.94 -1.25 -25.27
CA SER E 197 17.64 -2.36 -26.17
C SER E 197 16.96 -1.85 -27.44
N GLY E 198 17.03 -2.69 -28.48
CA GLY E 198 16.43 -2.38 -29.77
C GLY E 198 17.41 -1.88 -30.80
N VAL E 199 18.58 -1.40 -30.36
CA VAL E 199 19.61 -0.93 -31.28
C VAL E 199 20.82 -1.86 -31.15
N PRO E 200 21.65 -2.00 -32.19
CA PRO E 200 22.85 -2.82 -32.06
C PRO E 200 23.81 -2.26 -31.01
N ASP E 201 24.57 -3.19 -30.40
CA ASP E 201 25.46 -2.86 -29.28
C ASP E 201 26.67 -2.03 -29.71
N ARG E 202 26.90 -1.84 -31.01
CA ARG E 202 28.09 -1.16 -31.48
C ARG E 202 28.16 0.31 -31.05
N PHE E 203 27.04 0.89 -30.64
CA PHE E 203 27.00 2.33 -30.34
C PHE E 203 27.52 2.61 -28.94
N SER E 204 28.14 3.78 -28.79
CA SER E 204 28.50 4.28 -27.47
C SER E 204 28.40 5.81 -27.49
N GLY E 205 27.90 6.38 -26.40
CA GLY E 205 27.72 7.81 -26.29
C GLY E 205 28.51 8.38 -25.13
N SER E 206 28.97 9.61 -25.29
CA SER E 206 29.72 10.29 -24.23
C SER E 206 29.58 11.80 -24.38
N GLY E 207 29.64 12.48 -23.25
CA GLY E 207 29.55 13.93 -23.22
C GLY E 207 30.51 14.51 -22.21
N SER E 208 31.01 15.69 -22.52
CA SER E 208 32.00 16.38 -21.67
C SER E 208 31.63 17.85 -21.49
N GLY E 209 30.37 18.12 -21.15
CA GLY E 209 29.92 19.49 -20.98
C GLY E 209 29.40 20.10 -22.26
N THR E 210 30.31 20.45 -23.16
CA THR E 210 29.94 20.90 -24.50
C THR E 210 30.51 20.01 -25.59
N ALA E 211 31.22 18.94 -25.23
CA ALA E 211 31.79 18.01 -26.19
C ALA E 211 30.91 16.77 -26.27
N PHE E 212 30.45 16.46 -27.47
CA PHE E 212 29.56 15.34 -27.72
C PHE E 212 30.33 14.27 -28.50
N THR E 213 30.00 13.01 -28.28
CA THR E 213 30.65 11.94 -29.02
C THR E 213 29.76 10.73 -29.14
N LEU E 214 29.51 10.31 -30.38
CA LEU E 214 28.95 9.01 -30.70
C LEU E 214 30.02 8.17 -31.40
N THR E 215 30.31 7.01 -30.85
CA THR E 215 31.33 6.13 -31.40
C THR E 215 30.67 4.83 -31.84
N ILE E 216 30.90 4.45 -33.09
CA ILE E 216 30.50 3.15 -33.61
C ILE E 216 31.76 2.40 -34.00
N SER E 217 32.06 1.33 -33.27
CA SER E 217 33.28 0.56 -33.53
C SER E 217 33.24 -0.11 -34.88
N ARG E 218 32.09 -0.67 -35.26
CA ARG E 218 31.93 -1.39 -36.52
C ARG E 218 30.92 -0.63 -37.37
N LEU E 219 31.43 0.35 -38.14
CA LEU E 219 30.59 1.08 -39.06
C LEU E 219 30.09 0.15 -40.17
N GLU E 220 28.84 0.37 -40.60
CA GLU E 220 28.19 -0.51 -41.55
C GLU E 220 27.38 0.33 -42.51
N ALA E 221 27.01 -0.28 -43.65
CA ALA E 221 26.15 0.40 -44.60
C ALA E 221 24.79 0.74 -44.00
N GLU E 222 24.41 0.08 -42.90
CA GLU E 222 23.22 0.47 -42.16
C GLU E 222 23.35 1.89 -41.62
N ASP E 223 24.54 2.26 -41.16
CA ASP E 223 24.81 3.58 -40.60
C ASP E 223 25.28 4.58 -41.64
N VAL E 224 24.89 4.43 -42.90
CA VAL E 224 25.30 5.30 -43.99
C VAL E 224 24.08 5.99 -44.57
N GLY E 225 24.19 7.29 -44.78
CA GLY E 225 23.13 8.05 -45.41
C GLY E 225 23.24 9.53 -45.05
N VAL E 226 22.12 10.17 -44.72
CA VAL E 226 22.09 11.58 -44.33
C VAL E 226 21.79 11.72 -42.84
N TYR E 227 22.51 12.43 -42.05
CA TYR E 227 22.01 12.36 -40.71
C TYR E 227 21.04 13.47 -40.34
N TYR E 228 20.99 13.73 -39.06
CA TYR E 228 20.30 14.90 -38.51
C TYR E 228 20.36 15.24 -37.01
N CYS E 229 21.48 15.73 -36.49
CA CYS E 229 21.58 15.95 -35.06
C CYS E 229 20.36 16.73 -34.61
N MET E 230 19.70 16.23 -33.57
CA MET E 230 18.42 16.77 -33.12
C MET E 230 18.46 17.01 -31.62
N GLN E 231 17.77 18.07 -31.18
CA GLN E 231 17.67 18.42 -29.78
C GLN E 231 16.26 18.14 -29.27
N HIS E 232 16.14 17.96 -27.96
CA HIS E 232 14.87 17.72 -27.30
C HIS E 232 14.73 18.48 -25.99
N LEU E 233 15.54 19.51 -25.77
CA LEU E 233 15.59 20.16 -24.46
C LEU E 233 14.28 20.89 -24.15
N GLU E 234 13.90 21.74 -25.12
CA GLU E 234 12.76 22.62 -25.06
C GLU E 234 11.72 22.19 -26.02
N LEU E 237 11.08 21.12 -31.66
CA LEU E 237 12.11 20.14 -31.91
C LEU E 237 12.59 20.40 -33.32
N THR E 238 13.68 21.12 -33.43
CA THR E 238 14.25 21.54 -34.70
C THR E 238 15.35 20.64 -35.20
N PHE E 239 15.31 20.27 -36.48
CA PHE E 239 16.29 19.30 -36.94
C PHE E 239 17.55 20.02 -37.45
N GLY E 240 18.66 19.29 -37.43
CA GLY E 240 19.90 19.80 -37.96
C GLY E 240 19.89 19.86 -39.47
N ALA E 241 20.95 20.46 -40.01
CA ALA E 241 21.08 20.57 -41.46
C ALA E 241 21.27 19.19 -42.08
N GLY E 242 20.56 18.95 -43.18
CA GLY E 242 20.66 17.69 -43.87
C GLY E 242 22.02 17.48 -44.51
N THR E 243 22.82 16.58 -43.94
CA THR E 243 24.18 16.34 -44.40
C THR E 243 24.31 14.87 -44.78
N LYS E 244 24.47 14.60 -46.07
CA LYS E 244 24.62 13.24 -46.57
C LYS E 244 26.09 12.90 -46.63
N LEU E 245 26.52 11.91 -45.86
CA LEU E 245 27.93 11.50 -45.86
C LEU E 245 28.11 10.42 -46.91
N GLU E 246 28.79 10.79 -47.99
CA GLU E 246 28.94 9.91 -49.14
C GLU E 246 29.92 8.78 -48.84
N LEU E 247 29.90 7.76 -49.70
CA LEU E 247 30.80 6.63 -49.58
C LEU E 247 32.00 6.79 -50.52
C01 XWD F . -29.68 37.50 24.77
C02 XWD F . -29.32 38.83 25.10
C03 XWD F . -27.97 39.25 24.95
C04 XWD F . -27.01 38.36 24.47
C05 XWD F . -27.36 37.05 24.15
C06 XWD F . -28.72 36.63 24.30
C07 XWD F . -25.58 38.46 24.19
N08 XWD F . -25.19 37.28 23.76
N09 XWD F . -26.23 36.44 23.72
C10 XWD F . -29.13 35.17 23.94
N11 XWD F . -30.20 34.50 24.40
O12 XWD F . -30.20 33.29 23.87
C13 XWD F . -29.16 33.16 23.08
N14 XWD F . -28.46 34.32 23.10
C15 XWD F . -28.84 32.06 22.37
C17 XWD F . -27.06 32.36 21.42
C18 XWD F . -27.20 31.99 19.59
C19 XWD F . -28.59 31.68 19.20
N20 XWD F . -29.32 32.44 19.51
C21 XWD F . -29.97 32.55 20.59
C22 XWD F . -29.89 31.77 21.47
O23 XWD F . -30.72 33.46 20.78
C24 XWD F . -29.49 33.48 18.46
C25 XWD F . -30.65 33.51 17.66
C26 XWD F . -30.80 34.48 16.68
C27 XWD F . -29.80 35.44 16.50
C28 XWD F . -28.64 35.43 17.29
C29 XWD F . -28.49 34.44 18.27
F16 XWD F . -27.63 40.54 25.27
F30 XWD F . -29.95 36.40 15.52
#